data_3CTR
# 
_entry.id   3CTR 
# 
_audit_conform.dict_name       mmcif_pdbx.dic 
_audit_conform.dict_version    5.387 
_audit_conform.dict_location   http://mmcif.pdb.org/dictionaries/ascii/mmcif_pdbx.dic 
# 
loop_
_database_2.database_id 
_database_2.database_code 
_database_2.pdbx_database_accession 
_database_2.pdbx_DOI 
PDB   3CTR         pdb_00003ctr 10.2210/pdb3ctr/pdb 
RCSB  RCSB047199   ?            ?                   
WWPDB D_1000047199 ?            ?                   
# 
loop_
_pdbx_audit_revision_history.ordinal 
_pdbx_audit_revision_history.data_content_type 
_pdbx_audit_revision_history.major_revision 
_pdbx_audit_revision_history.minor_revision 
_pdbx_audit_revision_history.revision_date 
1 'Structure model' 1 0 2008-07-29 
2 'Structure model' 1 1 2011-07-13 
3 'Structure model' 1 2 2013-11-06 
4 'Structure model' 1 3 2017-10-25 
5 'Structure model' 1 4 2024-02-21 
# 
_pdbx_audit_revision_details.ordinal             1 
_pdbx_audit_revision_details.revision_ordinal    1 
_pdbx_audit_revision_details.data_content_type   'Structure model' 
_pdbx_audit_revision_details.provider            repository 
_pdbx_audit_revision_details.type                'Initial release' 
_pdbx_audit_revision_details.description         ? 
_pdbx_audit_revision_details.details             ? 
# 
loop_
_pdbx_audit_revision_group.ordinal 
_pdbx_audit_revision_group.revision_ordinal 
_pdbx_audit_revision_group.data_content_type 
_pdbx_audit_revision_group.group 
1 2 'Structure model' 'Version format compliance' 
2 3 'Structure model' 'Data collection'           
3 4 'Structure model' 'Refinement description'    
4 5 'Structure model' 'Data collection'           
5 5 'Structure model' 'Database references'       
6 5 'Structure model' 'Derived calculations'      
# 
loop_
_pdbx_audit_revision_category.ordinal 
_pdbx_audit_revision_category.revision_ordinal 
_pdbx_audit_revision_category.data_content_type 
_pdbx_audit_revision_category.category 
1 4 'Structure model' software           
2 5 'Structure model' chem_comp_atom     
3 5 'Structure model' chem_comp_bond     
4 5 'Structure model' database_2         
5 5 'Structure model' diffrn_source      
6 5 'Structure model' struct_ref_seq_dif 
7 5 'Structure model' struct_site        
# 
loop_
_pdbx_audit_revision_item.ordinal 
_pdbx_audit_revision_item.revision_ordinal 
_pdbx_audit_revision_item.data_content_type 
_pdbx_audit_revision_item.item 
1 5 'Structure model' '_database_2.pdbx_DOI'                 
2 5 'Structure model' '_database_2.pdbx_database_accession'  
3 5 'Structure model' '_diffrn_source.pdbx_synchrotron_site' 
4 5 'Structure model' '_struct_ref_seq_dif.details'          
5 5 'Structure model' '_struct_site.pdbx_auth_asym_id'       
6 5 'Structure model' '_struct_site.pdbx_auth_comp_id'       
7 5 'Structure model' '_struct_site.pdbx_auth_seq_id'        
# 
_pdbx_database_status.status_code                     REL 
_pdbx_database_status.entry_id                        3CTR 
_pdbx_database_status.recvd_initial_deposition_date   2008-04-14 
_pdbx_database_status.deposit_site                    RCSB 
_pdbx_database_status.process_site                    RCSB 
_pdbx_database_status.status_code_sf                  REL 
_pdbx_database_status.status_code_mr                  ? 
_pdbx_database_status.SG_entry                        ? 
_pdbx_database_status.status_code_cs                  ? 
_pdbx_database_status.pdb_format_compatible           Y 
_pdbx_database_status.methods_development_category    ? 
_pdbx_database_status.status_code_nmr_data            ? 
# 
loop_
_audit_author.name 
_audit_author.pdbx_ordinal 
'Monecke, T.'   1 
'Schell, S.'    2 
'Dickmanns, A.' 3 
'Ficner, R.'    4 
# 
_citation.id                        primary 
_citation.title                     
'Crystal structure of the RRM domain of poly(A)-specific ribonuclease reveals a novel m(7)G-cap-binding mode.' 
_citation.journal_abbrev            J.Mol.Biol. 
_citation.journal_volume            382 
_citation.page_first                827 
_citation.page_last                 834 
_citation.year                      2008 
_citation.journal_id_ASTM           JMOBAK 
_citation.country                   UK 
_citation.journal_id_ISSN           0022-2836 
_citation.journal_id_CSD            0070 
_citation.book_publisher            ? 
_citation.pdbx_database_id_PubMed   18694759 
_citation.pdbx_database_id_DOI      10.1016/j.jmb.2008.07.073 
# 
loop_
_citation_author.citation_id 
_citation_author.name 
_citation_author.ordinal 
_citation_author.identifier_ORCID 
primary 'Monecke, T.'   1 ? 
primary 'Schell, S.'    2 ? 
primary 'Dickmanns, A.' 3 ? 
primary 'Ficner, R.'    4 ? 
# 
loop_
_entity.id 
_entity.type 
_entity.src_method 
_entity.pdbx_description 
_entity.formula_weight 
_entity.pdbx_number_of_molecules 
_entity.pdbx_ec 
_entity.pdbx_mutation 
_entity.pdbx_fragment 
_entity.details 
1 polymer     man 'Poly(A)-specific ribonuclease PARN' 11822.170 1  3.1.13.4 ? 'RNA-recognition-motif of PARN (residues 445-540)' 
? 
2 non-polymer syn "7-METHYL-GUANOSINE-5'-TRIPHOSPHATE" 538.215   1  ?        ? ?                                                  
? 
3 water       nat water                                18.015    69 ?        ? ?                                                  
? 
# 
_entity_name_com.entity_id   1 
_entity_name_com.name        'Polyadenylate-specific ribonuclease, Deadenylating nuclease, Deadenylation nuclease' 
# 
_entity_poly.entity_id                      1 
_entity_poly.type                           'polypeptide(L)' 
_entity_poly.nstd_linkage                   no 
_entity_poly.nstd_monomer                   no 
_entity_poly.pdbx_seq_one_letter_code       
;GPLGSDHVLHVTFPKEWKTSDLYQLFSAFGNIQISWIDDTSAFVSLSQPEQVKIAVNTSKYAESYRIQTYAEYMGRKQEE
KQIKRKWTEDSWKEADSKRLN
;
_entity_poly.pdbx_seq_one_letter_code_can   
;GPLGSDHVLHVTFPKEWKTSDLYQLFSAFGNIQISWIDDTSAFVSLSQPEQVKIAVNTSKYAESYRIQTYAEYMGRKQEE
KQIKRKWTEDSWKEADSKRLN
;
_entity_poly.pdbx_strand_id                 A 
_entity_poly.pdbx_target_identifier         ? 
# 
loop_
_pdbx_entity_nonpoly.entity_id 
_pdbx_entity_nonpoly.name 
_pdbx_entity_nonpoly.comp_id 
2 "7-METHYL-GUANOSINE-5'-TRIPHOSPHATE" MGP 
3 water                                HOH 
# 
loop_
_entity_poly_seq.entity_id 
_entity_poly_seq.num 
_entity_poly_seq.mon_id 
_entity_poly_seq.hetero 
1 1   GLY n 
1 2   PRO n 
1 3   LEU n 
1 4   GLY n 
1 5   SER n 
1 6   ASP n 
1 7   HIS n 
1 8   VAL n 
1 9   LEU n 
1 10  HIS n 
1 11  VAL n 
1 12  THR n 
1 13  PHE n 
1 14  PRO n 
1 15  LYS n 
1 16  GLU n 
1 17  TRP n 
1 18  LYS n 
1 19  THR n 
1 20  SER n 
1 21  ASP n 
1 22  LEU n 
1 23  TYR n 
1 24  GLN n 
1 25  LEU n 
1 26  PHE n 
1 27  SER n 
1 28  ALA n 
1 29  PHE n 
1 30  GLY n 
1 31  ASN n 
1 32  ILE n 
1 33  GLN n 
1 34  ILE n 
1 35  SER n 
1 36  TRP n 
1 37  ILE n 
1 38  ASP n 
1 39  ASP n 
1 40  THR n 
1 41  SER n 
1 42  ALA n 
1 43  PHE n 
1 44  VAL n 
1 45  SER n 
1 46  LEU n 
1 47  SER n 
1 48  GLN n 
1 49  PRO n 
1 50  GLU n 
1 51  GLN n 
1 52  VAL n 
1 53  LYS n 
1 54  ILE n 
1 55  ALA n 
1 56  VAL n 
1 57  ASN n 
1 58  THR n 
1 59  SER n 
1 60  LYS n 
1 61  TYR n 
1 62  ALA n 
1 63  GLU n 
1 64  SER n 
1 65  TYR n 
1 66  ARG n 
1 67  ILE n 
1 68  GLN n 
1 69  THR n 
1 70  TYR n 
1 71  ALA n 
1 72  GLU n 
1 73  TYR n 
1 74  MET n 
1 75  GLY n 
1 76  ARG n 
1 77  LYS n 
1 78  GLN n 
1 79  GLU n 
1 80  GLU n 
1 81  LYS n 
1 82  GLN n 
1 83  ILE n 
1 84  LYS n 
1 85  ARG n 
1 86  LYS n 
1 87  TRP n 
1 88  THR n 
1 89  GLU n 
1 90  ASP n 
1 91  SER n 
1 92  TRP n 
1 93  LYS n 
1 94  GLU n 
1 95  ALA n 
1 96  ASP n 
1 97  SER n 
1 98  LYS n 
1 99  ARG n 
1 100 LEU n 
1 101 ASN n 
# 
_entity_src_gen.entity_id                          1 
_entity_src_gen.pdbx_src_id                        1 
_entity_src_gen.pdbx_alt_source_flag               sample 
_entity_src_gen.pdbx_seq_type                      ? 
_entity_src_gen.pdbx_beg_seq_num                   ? 
_entity_src_gen.pdbx_end_seq_num                   ? 
_entity_src_gen.gene_src_common_name               human 
_entity_src_gen.gene_src_genus                     ? 
_entity_src_gen.pdbx_gene_src_gene                 'PARN, DAN' 
_entity_src_gen.gene_src_species                   ? 
_entity_src_gen.gene_src_strain                    ? 
_entity_src_gen.gene_src_tissue                    ? 
_entity_src_gen.gene_src_tissue_fraction           ? 
_entity_src_gen.gene_src_details                   
'This vector additionally introduces the amino acid sequence gplgs before the N-terminus' 
_entity_src_gen.pdbx_gene_src_fragment             ? 
_entity_src_gen.pdbx_gene_src_scientific_name      'Homo sapiens' 
_entity_src_gen.pdbx_gene_src_ncbi_taxonomy_id     9606 
_entity_src_gen.pdbx_gene_src_variant              ? 
_entity_src_gen.pdbx_gene_src_cell_line            ? 
_entity_src_gen.pdbx_gene_src_atcc                 ? 
_entity_src_gen.pdbx_gene_src_organ                ? 
_entity_src_gen.pdbx_gene_src_organelle            ? 
_entity_src_gen.pdbx_gene_src_cell                 ? 
_entity_src_gen.pdbx_gene_src_cellular_location    ? 
_entity_src_gen.host_org_common_name               ? 
_entity_src_gen.pdbx_host_org_scientific_name      'Escherichia coli' 
_entity_src_gen.pdbx_host_org_ncbi_taxonomy_id     ? 
_entity_src_gen.host_org_genus                     ? 
_entity_src_gen.pdbx_host_org_gene                 ? 
_entity_src_gen.pdbx_host_org_organ                ? 
_entity_src_gen.host_org_species                   ? 
_entity_src_gen.pdbx_host_org_tissue               ? 
_entity_src_gen.pdbx_host_org_tissue_fraction      ? 
_entity_src_gen.pdbx_host_org_strain               'BL 21 (DE3)' 
_entity_src_gen.pdbx_host_org_variant              ? 
_entity_src_gen.pdbx_host_org_cell_line            ? 
_entity_src_gen.pdbx_host_org_atcc                 ? 
_entity_src_gen.pdbx_host_org_culture_collection   ? 
_entity_src_gen.pdbx_host_org_cell                 ? 
_entity_src_gen.pdbx_host_org_organelle            ? 
_entity_src_gen.pdbx_host_org_cellular_location    ? 
_entity_src_gen.pdbx_host_org_vector_type          plasmid 
_entity_src_gen.pdbx_host_org_vector               ? 
_entity_src_gen.host_org_details                   ? 
_entity_src_gen.expression_system_id               ? 
_entity_src_gen.plasmid_name                       pGEX-6P-PARN3 
_entity_src_gen.plasmid_details                    ? 
_entity_src_gen.pdbx_description                   ? 
# 
loop_
_chem_comp.id 
_chem_comp.type 
_chem_comp.mon_nstd_flag 
_chem_comp.name 
_chem_comp.pdbx_synonyms 
_chem_comp.formula 
_chem_comp.formula_weight 
ALA 'L-peptide linking' y ALANINE                              ? 'C3 H7 N O2'          89.093  
ARG 'L-peptide linking' y ARGININE                             ? 'C6 H15 N4 O2 1'      175.209 
ASN 'L-peptide linking' y ASPARAGINE                           ? 'C4 H8 N2 O3'         132.118 
ASP 'L-peptide linking' y 'ASPARTIC ACID'                      ? 'C4 H7 N O4'          133.103 
GLN 'L-peptide linking' y GLUTAMINE                            ? 'C5 H10 N2 O3'        146.144 
GLU 'L-peptide linking' y 'GLUTAMIC ACID'                      ? 'C5 H9 N O4'          147.129 
GLY 'peptide linking'   y GLYCINE                              ? 'C2 H5 N O2'          75.067  
HIS 'L-peptide linking' y HISTIDINE                            ? 'C6 H10 N3 O2 1'      156.162 
HOH non-polymer         . WATER                                ? 'H2 O'                18.015  
ILE 'L-peptide linking' y ISOLEUCINE                           ? 'C6 H13 N O2'         131.173 
LEU 'L-peptide linking' y LEUCINE                              ? 'C6 H13 N O2'         131.173 
LYS 'L-peptide linking' y LYSINE                               ? 'C6 H15 N2 O2 1'      147.195 
MET 'L-peptide linking' y METHIONINE                           ? 'C5 H11 N O2 S'       149.211 
MGP non-polymer         . "7-METHYL-GUANOSINE-5'-TRIPHOSPHATE" ? 'C11 H19 N5 O14 P3 1' 538.215 
PHE 'L-peptide linking' y PHENYLALANINE                        ? 'C9 H11 N O2'         165.189 
PRO 'L-peptide linking' y PROLINE                              ? 'C5 H9 N O2'          115.130 
SER 'L-peptide linking' y SERINE                               ? 'C3 H7 N O3'          105.093 
THR 'L-peptide linking' y THREONINE                            ? 'C4 H9 N O3'          119.119 
TRP 'L-peptide linking' y TRYPTOPHAN                           ? 'C11 H12 N2 O2'       204.225 
TYR 'L-peptide linking' y TYROSINE                             ? 'C9 H11 N O3'         181.189 
VAL 'L-peptide linking' y VALINE                               ? 'C5 H11 N O2'         117.146 
# 
loop_
_pdbx_poly_seq_scheme.asym_id 
_pdbx_poly_seq_scheme.entity_id 
_pdbx_poly_seq_scheme.seq_id 
_pdbx_poly_seq_scheme.mon_id 
_pdbx_poly_seq_scheme.ndb_seq_num 
_pdbx_poly_seq_scheme.pdb_seq_num 
_pdbx_poly_seq_scheme.auth_seq_num 
_pdbx_poly_seq_scheme.pdb_mon_id 
_pdbx_poly_seq_scheme.auth_mon_id 
_pdbx_poly_seq_scheme.pdb_strand_id 
_pdbx_poly_seq_scheme.pdb_ins_code 
_pdbx_poly_seq_scheme.hetero 
A 1 1   GLY 1   440 440 GLY GLY A . n 
A 1 2   PRO 2   441 441 PRO PRO A . n 
A 1 3   LEU 3   442 442 LEU LEU A . n 
A 1 4   GLY 4   443 443 GLY GLY A . n 
A 1 5   SER 5   444 444 SER SER A . n 
A 1 6   ASP 6   445 445 ASP ASP A . n 
A 1 7   HIS 7   446 446 HIS HIS A . n 
A 1 8   VAL 8   447 447 VAL VAL A . n 
A 1 9   LEU 9   448 448 LEU LEU A . n 
A 1 10  HIS 10  449 449 HIS HIS A . n 
A 1 11  VAL 11  450 450 VAL VAL A . n 
A 1 12  THR 12  451 451 THR THR A . n 
A 1 13  PHE 13  452 452 PHE PHE A . n 
A 1 14  PRO 14  453 453 PRO PRO A . n 
A 1 15  LYS 15  454 454 LYS LYS A . n 
A 1 16  GLU 16  455 455 GLU GLU A . n 
A 1 17  TRP 17  456 456 TRP TRP A . n 
A 1 18  LYS 18  457 457 LYS LYS A . n 
A 1 19  THR 19  458 458 THR THR A . n 
A 1 20  SER 20  459 459 SER SER A . n 
A 1 21  ASP 21  460 460 ASP ASP A . n 
A 1 22  LEU 22  461 461 LEU LEU A . n 
A 1 23  TYR 23  462 462 TYR TYR A . n 
A 1 24  GLN 24  463 463 GLN GLN A . n 
A 1 25  LEU 25  464 464 LEU LEU A . n 
A 1 26  PHE 26  465 465 PHE PHE A . n 
A 1 27  SER 27  466 466 SER SER A . n 
A 1 28  ALA 28  467 467 ALA ALA A . n 
A 1 29  PHE 29  468 468 PHE PHE A . n 
A 1 30  GLY 30  469 469 GLY GLY A . n 
A 1 31  ASN 31  470 470 ASN ASN A . n 
A 1 32  ILE 32  471 471 ILE ILE A . n 
A 1 33  GLN 33  472 472 GLN GLN A . n 
A 1 34  ILE 34  473 473 ILE ILE A . n 
A 1 35  SER 35  474 474 SER SER A . n 
A 1 36  TRP 36  475 475 TRP TRP A . n 
A 1 37  ILE 37  476 476 ILE ILE A . n 
A 1 38  ASP 38  477 477 ASP ASP A . n 
A 1 39  ASP 39  478 478 ASP ASP A . n 
A 1 40  THR 40  479 479 THR THR A . n 
A 1 41  SER 41  480 480 SER SER A . n 
A 1 42  ALA 42  481 481 ALA ALA A . n 
A 1 43  PHE 43  482 482 PHE PHE A . n 
A 1 44  VAL 44  483 483 VAL VAL A . n 
A 1 45  SER 45  484 484 SER SER A . n 
A 1 46  LEU 46  485 485 LEU LEU A . n 
A 1 47  SER 47  486 486 SER SER A . n 
A 1 48  GLN 48  487 487 GLN GLN A . n 
A 1 49  PRO 49  488 488 PRO PRO A . n 
A 1 50  GLU 50  489 489 GLU GLU A . n 
A 1 51  GLN 51  490 490 GLN GLN A . n 
A 1 52  VAL 52  491 491 VAL VAL A . n 
A 1 53  LYS 53  492 492 LYS LYS A . n 
A 1 54  ILE 54  493 493 ILE ILE A . n 
A 1 55  ALA 55  494 494 ALA ALA A . n 
A 1 56  VAL 56  495 495 VAL VAL A . n 
A 1 57  ASN 57  496 496 ASN ASN A . n 
A 1 58  THR 58  497 497 THR THR A . n 
A 1 59  SER 59  498 498 SER SER A . n 
A 1 60  LYS 60  499 499 LYS LYS A . n 
A 1 61  TYR 61  500 500 TYR TYR A . n 
A 1 62  ALA 62  501 501 ALA ALA A . n 
A 1 63  GLU 63  502 502 GLU GLU A . n 
A 1 64  SER 64  503 503 SER SER A . n 
A 1 65  TYR 65  504 504 TYR TYR A . n 
A 1 66  ARG 66  505 505 ARG ARG A . n 
A 1 67  ILE 67  506 506 ILE ILE A . n 
A 1 68  GLN 68  507 507 GLN GLN A . n 
A 1 69  THR 69  508 508 THR THR A . n 
A 1 70  TYR 70  509 509 TYR TYR A . n 
A 1 71  ALA 71  510 510 ALA ALA A . n 
A 1 72  GLU 72  511 511 GLU GLU A . n 
A 1 73  TYR 73  512 512 TYR TYR A . n 
A 1 74  MET 74  513 513 MET MET A . n 
A 1 75  GLY 75  514 514 GLY GLY A . n 
A 1 76  ARG 76  515 ?   ?   ?   A . n 
A 1 77  LYS 77  516 ?   ?   ?   A . n 
A 1 78  GLN 78  517 ?   ?   ?   A . n 
A 1 79  GLU 79  518 ?   ?   ?   A . n 
A 1 80  GLU 80  519 ?   ?   ?   A . n 
A 1 81  LYS 81  520 ?   ?   ?   A . n 
A 1 82  GLN 82  521 ?   ?   ?   A . n 
A 1 83  ILE 83  522 ?   ?   ?   A . n 
A 1 84  LYS 84  523 ?   ?   ?   A . n 
A 1 85  ARG 85  524 ?   ?   ?   A . n 
A 1 86  LYS 86  525 ?   ?   ?   A . n 
A 1 87  TRP 87  526 ?   ?   ?   A . n 
A 1 88  THR 88  527 ?   ?   ?   A . n 
A 1 89  GLU 89  528 ?   ?   ?   A . n 
A 1 90  ASP 90  529 ?   ?   ?   A . n 
A 1 91  SER 91  530 ?   ?   ?   A . n 
A 1 92  TRP 92  531 ?   ?   ?   A . n 
A 1 93  LYS 93  532 ?   ?   ?   A . n 
A 1 94  GLU 94  533 ?   ?   ?   A . n 
A 1 95  ALA 95  534 ?   ?   ?   A . n 
A 1 96  ASP 96  535 ?   ?   ?   A . n 
A 1 97  SER 97  536 ?   ?   ?   A . n 
A 1 98  LYS 98  537 ?   ?   ?   A . n 
A 1 99  ARG 99  538 ?   ?   ?   A . n 
A 1 100 LEU 100 539 ?   ?   ?   A . n 
A 1 101 ASN 101 540 ?   ?   ?   A . n 
# 
loop_
_pdbx_nonpoly_scheme.asym_id 
_pdbx_nonpoly_scheme.entity_id 
_pdbx_nonpoly_scheme.mon_id 
_pdbx_nonpoly_scheme.ndb_seq_num 
_pdbx_nonpoly_scheme.pdb_seq_num 
_pdbx_nonpoly_scheme.auth_seq_num 
_pdbx_nonpoly_scheme.pdb_mon_id 
_pdbx_nonpoly_scheme.auth_mon_id 
_pdbx_nonpoly_scheme.pdb_strand_id 
_pdbx_nonpoly_scheme.pdb_ins_code 
B 2 MGP 1  1   1  MGP MGP A . 
C 3 HOH 1  541 1  HOH HOH A . 
C 3 HOH 2  542 2  HOH HOH A . 
C 3 HOH 3  543 3  HOH HOH A . 
C 3 HOH 4  544 4  HOH HOH A . 
C 3 HOH 5  545 5  HOH HOH A . 
C 3 HOH 6  546 6  HOH HOH A . 
C 3 HOH 7  547 7  HOH HOH A . 
C 3 HOH 8  548 8  HOH HOH A . 
C 3 HOH 9  549 9  HOH HOH A . 
C 3 HOH 10 550 10 HOH HOH A . 
C 3 HOH 11 551 11 HOH HOH A . 
C 3 HOH 12 552 12 HOH HOH A . 
C 3 HOH 13 553 13 HOH HOH A . 
C 3 HOH 14 554 14 HOH HOH A . 
C 3 HOH 15 555 15 HOH HOH A . 
C 3 HOH 16 556 16 HOH HOH A . 
C 3 HOH 17 557 17 HOH HOH A . 
C 3 HOH 18 558 18 HOH HOH A . 
C 3 HOH 19 559 19 HOH HOH A . 
C 3 HOH 20 560 20 HOH HOH A . 
C 3 HOH 21 561 21 HOH HOH A . 
C 3 HOH 22 562 22 HOH HOH A . 
C 3 HOH 23 563 23 HOH HOH A . 
C 3 HOH 24 564 24 HOH HOH A . 
C 3 HOH 25 565 25 HOH HOH A . 
C 3 HOH 26 566 26 HOH HOH A . 
C 3 HOH 27 567 27 HOH HOH A . 
C 3 HOH 28 568 28 HOH HOH A . 
C 3 HOH 29 569 29 HOH HOH A . 
C 3 HOH 30 570 30 HOH HOH A . 
C 3 HOH 31 571 31 HOH HOH A . 
C 3 HOH 32 572 32 HOH HOH A . 
C 3 HOH 33 573 33 HOH HOH A . 
C 3 HOH 34 574 34 HOH HOH A . 
C 3 HOH 35 575 35 HOH HOH A . 
C 3 HOH 36 576 36 HOH HOH A . 
C 3 HOH 37 577 37 HOH HOH A . 
C 3 HOH 38 578 38 HOH HOH A . 
C 3 HOH 39 579 39 HOH HOH A . 
C 3 HOH 40 580 40 HOH HOH A . 
C 3 HOH 41 581 41 HOH HOH A . 
C 3 HOH 42 582 42 HOH HOH A . 
C 3 HOH 43 583 43 HOH HOH A . 
C 3 HOH 44 584 44 HOH HOH A . 
C 3 HOH 45 585 45 HOH HOH A . 
C 3 HOH 46 586 46 HOH HOH A . 
C 3 HOH 47 587 47 HOH HOH A . 
C 3 HOH 48 588 48 HOH HOH A . 
C 3 HOH 49 589 49 HOH HOH A . 
C 3 HOH 50 590 50 HOH HOH A . 
C 3 HOH 51 591 51 HOH HOH A . 
C 3 HOH 52 592 52 HOH HOH A . 
C 3 HOH 53 593 53 HOH HOH A . 
C 3 HOH 54 594 54 HOH HOH A . 
C 3 HOH 55 595 55 HOH HOH A . 
C 3 HOH 56 596 56 HOH HOH A . 
C 3 HOH 57 597 57 HOH HOH A . 
C 3 HOH 58 598 58 HOH HOH A . 
C 3 HOH 59 599 59 HOH HOH A . 
C 3 HOH 60 600 60 HOH HOH A . 
C 3 HOH 61 601 61 HOH HOH A . 
C 3 HOH 62 602 62 HOH HOH A . 
C 3 HOH 63 603 63 HOH HOH A . 
C 3 HOH 64 604 64 HOH HOH A . 
C 3 HOH 65 605 65 HOH HOH A . 
C 3 HOH 66 606 66 HOH HOH A . 
C 3 HOH 67 607 67 HOH HOH A . 
C 3 HOH 68 608 68 HOH HOH A . 
C 3 HOH 69 609 69 HOH HOH A . 
# 
loop_
_software.name 
_software.classification 
_software.version 
_software.citation_id 
_software.pdbx_ordinal 
REFMAC    refinement        5.3.0008 ? 1 
MAR345dtb 'data collection' .        ? 2 
HKL-2000  'data reduction'  .        ? 3 
HKL-2000  'data scaling'    .        ? 4 
SHELXCD   phasing           .        ? 5 
SHELXE    'model building'  .        ? 6 
# 
_cell.entry_id           3CTR 
_cell.length_a           81.107 
_cell.length_b           81.107 
_cell.length_c           78.058 
_cell.angle_alpha        90.00 
_cell.angle_beta         90.00 
_cell.angle_gamma        90.00 
_cell.Z_PDB              16 
_cell.pdbx_unique_axis   ? 
_cell.length_a_esd       ? 
_cell.length_b_esd       ? 
_cell.length_c_esd       ? 
_cell.angle_alpha_esd    ? 
_cell.angle_beta_esd     ? 
_cell.angle_gamma_esd    ? 
# 
_symmetry.entry_id                         3CTR 
_symmetry.space_group_name_H-M             'I 41 2 2' 
_symmetry.pdbx_full_space_group_name_H-M   ? 
_symmetry.cell_setting                     ? 
_symmetry.Int_Tables_number                98 
_symmetry.space_group_name_Hall            ? 
# 
_exptl.entry_id          3CTR 
_exptl.method            'X-RAY DIFFRACTION' 
_exptl.crystals_number   2 
# 
_exptl_crystal.id                    1 
_exptl_crystal.density_meas          ? 
_exptl_crystal.density_Matthews      2.71 
_exptl_crystal.density_percent_sol   54.69 
_exptl_crystal.description           ? 
_exptl_crystal.F_000                 ? 
_exptl_crystal.preparation           ? 
# 
_exptl_crystal_grow.crystal_id      1 
_exptl_crystal_grow.method          'VAPOR DIFFUSION, HANGING DROP' 
_exptl_crystal_grow.temp            293 
_exptl_crystal_grow.temp_details    ? 
_exptl_crystal_grow.pH              5.6 
_exptl_crystal_grow.pdbx_details    '2 M LiSO4, pH 5.6, VAPOR DIFFUSION, HANGING DROP, temperature 293K' 
_exptl_crystal_grow.pdbx_pH_range   . 
# 
loop_
_diffrn.id 
_diffrn.ambient_temp 
_diffrn.ambient_temp_details 
_diffrn.crystal_id 
1 100 ? 1 
2 100 ? 1 
# 
loop_
_diffrn_detector.diffrn_id 
_diffrn_detector.detector 
_diffrn_detector.type 
_diffrn_detector.pdbx_collection_date 
_diffrn_detector.details 
1 CCD 'MAR CCD 165 mm' 2007-03-28 mirrors 
2 CCD 'MAR CCD 165 mm' 2007-04-18 mirrors 
# 
loop_
_diffrn_radiation.diffrn_id 
_diffrn_radiation.wavelength_id 
_diffrn_radiation.pdbx_monochromatic_or_laue_m_l 
_diffrn_radiation.monochromator 
_diffrn_radiation.pdbx_diffrn_protocol 
_diffrn_radiation.pdbx_scattering_type 
1 1 M 'Fixed exit double crystal Si-111, horizontally focussing' 'SINGLE WAVELENGTH' x-ray 
2 1 M 'Double Crystal Monochromator Si-111'                      MAD                 x-ray 
# 
loop_
_diffrn_radiation_wavelength.id 
_diffrn_radiation_wavelength.wavelength 
_diffrn_radiation_wavelength.wt 
1 1.078   1.0 
2 0.9778  1.0 
3 0.97861 1.0 
4 0.91841 1.0 
# 
loop_
_diffrn_source.diffrn_id 
_diffrn_source.source 
_diffrn_source.type 
_diffrn_source.pdbx_synchrotron_site 
_diffrn_source.pdbx_synchrotron_beamline 
_diffrn_source.pdbx_wavelength 
_diffrn_source.pdbx_wavelength_list 
1 SYNCHROTRON 'EMBL/DESY, HAMBURG BEAMLINE BW7A' 'EMBL/DESY, HAMBURG' BW7A ? 1.078                      
2 SYNCHROTRON 'BESSY BEAMLINE 14.2'              BESSY                14.2 ? '0.9778, 0.97861, 0.91841' 
# 
_reflns.entry_id                     3CTR 
_reflns.observed_criterion_sigma_F   2.0 
_reflns.observed_criterion_sigma_I   3.0 
_reflns.d_resolution_high            2.10 
_reflns.d_resolution_low             30.0 
_reflns.number_all                   7925 
_reflns.number_obs                   7918 
_reflns.percent_possible_obs         99.9 
_reflns.pdbx_Rmerge_I_obs            ? 
_reflns.pdbx_Rsym_value              0.038 
_reflns.pdbx_netI_over_sigmaI        67.9 
_reflns.B_iso_Wilson_estimate        ? 
_reflns.pdbx_redundancy              13.6 
_reflns.R_free_details               ? 
_reflns.limit_h_max                  ? 
_reflns.limit_h_min                  ? 
_reflns.limit_k_max                  ? 
_reflns.limit_k_min                  ? 
_reflns.limit_l_max                  ? 
_reflns.limit_l_min                  ? 
_reflns.observed_criterion_F_max     ? 
_reflns.observed_criterion_F_min     ? 
_reflns.pdbx_chi_squared             ? 
_reflns.pdbx_scaling_rejects         ? 
_reflns.pdbx_ordinal                 1 
_reflns.pdbx_diffrn_id               1,2 
# 
_reflns_shell.d_res_high             2.10 
_reflns_shell.d_res_low              2.18 
_reflns_shell.percent_possible_all   100.0 
_reflns_shell.Rmerge_I_obs           0.202 
_reflns_shell.pdbx_Rsym_value        ? 
_reflns_shell.meanI_over_sigI_obs    14.4 
_reflns_shell.pdbx_redundancy        7.8 
_reflns_shell.percent_possible_obs   ? 
_reflns_shell.number_unique_all      776 
_reflns_shell.number_measured_all    ? 
_reflns_shell.number_measured_obs    ? 
_reflns_shell.number_unique_obs      ? 
_reflns_shell.pdbx_chi_squared       ? 
_reflns_shell.pdbx_ordinal           1 
_reflns_shell.pdbx_diffrn_id         1,2 
# 
_refine.entry_id                                 3CTR 
_refine.ls_number_reflns_obs                     7448 
_refine.ls_number_reflns_all                     7466 
_refine.pdbx_ls_sigma_I                          0 
_refine.pdbx_ls_sigma_F                          0 
_refine.pdbx_data_cutoff_high_absF               ? 
_refine.pdbx_data_cutoff_low_absF                ? 
_refine.pdbx_data_cutoff_high_rms_absF           ? 
_refine.ls_d_res_low                             15.00 
_refine.ls_d_res_high                            2.10 
_refine.ls_percent_reflns_obs                    99.76 
_refine.ls_R_factor_obs                          0.21124 
_refine.ls_R_factor_all                          0.21124 
_refine.ls_R_factor_R_work                       0.20959 
_refine.ls_R_factor_R_free                       0.24287 
_refine.ls_R_factor_R_free_error                 ? 
_refine.ls_R_factor_R_free_error_details         ? 
_refine.ls_percent_reflns_R_free                 4.9 
_refine.ls_number_reflns_R_free                  382 
_refine.ls_number_parameters                     ? 
_refine.ls_number_restraints                     ? 
_refine.occupancy_min                            ? 
_refine.occupancy_max                            ? 
_refine.correlation_coeff_Fo_to_Fc               0.957 
_refine.correlation_coeff_Fo_to_Fc_free          0.931 
_refine.B_iso_mean                               45.363 
_refine.aniso_B[1][1]                            -1.83 
_refine.aniso_B[2][2]                            -1.83 
_refine.aniso_B[3][3]                            3.65 
_refine.aniso_B[1][2]                            0.00 
_refine.aniso_B[1][3]                            0.00 
_refine.aniso_B[2][3]                            0.00 
_refine.solvent_model_details                    MASK 
_refine.solvent_model_param_ksol                 ? 
_refine.solvent_model_param_bsol                 ? 
_refine.pdbx_solvent_vdw_probe_radii             1.20 
_refine.pdbx_solvent_ion_probe_radii             0.80 
_refine.pdbx_solvent_shrinkage_radii             0.80 
_refine.pdbx_ls_cross_valid_method               THROUGHOUT 
_refine.details                                  'HYDROGENS HAVE BEEN ADDED IN THE RIDING POSITIONS' 
_refine.pdbx_starting_model                      ? 
_refine.pdbx_method_to_determine_struct          MAD 
_refine.pdbx_isotropic_thermal_model             ? 
_refine.pdbx_stereochemistry_target_values       'MAXIMUM LIKELIHOOD' 
_refine.pdbx_stereochem_target_val_spec_case     ? 
_refine.pdbx_R_Free_selection_details            RANDOM 
_refine.pdbx_overall_ESU_R                       0.175 
_refine.pdbx_overall_ESU_R_Free                  0.160 
_refine.overall_SU_ML                            0.113 
_refine.overall_SU_B                             4.168 
_refine.ls_redundancy_reflns_obs                 ? 
_refine.B_iso_min                                ? 
_refine.B_iso_max                                ? 
_refine.overall_SU_R_Cruickshank_DPI             ? 
_refine.overall_SU_R_free                        ? 
_refine.ls_wR_factor_R_free                      ? 
_refine.ls_wR_factor_R_work                      ? 
_refine.overall_FOM_free_R_set                   ? 
_refine.overall_FOM_work_R_set                   ? 
_refine.pdbx_overall_phase_error                 ? 
_refine.pdbx_refine_id                           'X-RAY DIFFRACTION' 
_refine.pdbx_diffrn_id                           1,2 
_refine.pdbx_TLS_residual_ADP_flag               ? 
_refine.pdbx_overall_SU_R_free_Cruickshank_DPI   ? 
_refine.pdbx_overall_SU_R_Blow_DPI               ? 
_refine.pdbx_overall_SU_R_free_Blow_DPI          ? 
# 
_refine_hist.pdbx_refine_id                   'X-RAY DIFFRACTION' 
_refine_hist.cycle_id                         LAST 
_refine_hist.pdbx_number_atoms_protein        602 
_refine_hist.pdbx_number_atoms_nucleic_acid   0 
_refine_hist.pdbx_number_atoms_ligand         33 
_refine_hist.number_atoms_solvent             69 
_refine_hist.number_atoms_total               704 
_refine_hist.d_res_high                       2.10 
_refine_hist.d_res_low                        15.00 
# 
loop_
_refine_ls_restr.type 
_refine_ls_restr.dev_ideal 
_refine_ls_restr.dev_ideal_target 
_refine_ls_restr.weight 
_refine_ls_restr.number 
_refine_ls_restr.pdbx_refine_id 
_refine_ls_restr.pdbx_restraint_function 
r_bond_refined_d         0.012  0.022  ? 654 'X-RAY DIFFRACTION' ? 
r_angle_refined_deg      1.287  1.998  ? 898 'X-RAY DIFFRACTION' ? 
r_dihedral_angle_1_deg   6.203  5.000  ? 74  'X-RAY DIFFRACTION' ? 
r_dihedral_angle_2_deg   42.777 24.828 ? 29  'X-RAY DIFFRACTION' ? 
r_dihedral_angle_3_deg   13.823 15.000 ? 98  'X-RAY DIFFRACTION' ? 
r_dihedral_angle_4_deg   15.778 15.000 ? 1   'X-RAY DIFFRACTION' ? 
r_chiral_restr           0.097  0.200  ? 98  'X-RAY DIFFRACTION' ? 
r_gen_planes_refined     0.005  0.020  ? 486 'X-RAY DIFFRACTION' ? 
r_nbd_refined            0.195  0.200  ? 279 'X-RAY DIFFRACTION' ? 
r_nbtor_refined          0.303  0.200  ? 443 'X-RAY DIFFRACTION' ? 
r_xyhbond_nbd_refined    0.145  0.200  ? 49  'X-RAY DIFFRACTION' ? 
r_symmetry_vdw_refined   0.154  0.200  ? 40  'X-RAY DIFFRACTION' ? 
r_symmetry_hbond_refined 0.130  0.200  ? 8   'X-RAY DIFFRACTION' ? 
r_mcbond_it              0.876  1.500  ? 384 'X-RAY DIFFRACTION' ? 
r_mcangle_it             1.510  2.000  ? 604 'X-RAY DIFFRACTION' ? 
r_scbond_it              2.007  3.000  ? 336 'X-RAY DIFFRACTION' ? 
r_scangle_it             3.207  4.500  ? 294 'X-RAY DIFFRACTION' ? 
# 
_refine_ls_shell.pdbx_total_number_of_bins_used   20 
_refine_ls_shell.d_res_high                       2.100 
_refine_ls_shell.d_res_low                        2.153 
_refine_ls_shell.number_reflns_R_work             509 
_refine_ls_shell.R_factor_R_work                  0.249 
_refine_ls_shell.percent_reflns_obs               99.81 
_refine_ls_shell.R_factor_R_free                  0.215 
_refine_ls_shell.R_factor_R_free_error            ? 
_refine_ls_shell.percent_reflns_R_free            ? 
_refine_ls_shell.number_reflns_R_free             26 
_refine_ls_shell.number_reflns_all                ? 
_refine_ls_shell.R_factor_all                     ? 
_refine_ls_shell.number_reflns_obs                509 
_refine_ls_shell.redundancy_reflns_obs            ? 
_refine_ls_shell.pdbx_refine_id                   'X-RAY DIFFRACTION' 
# 
_struct.entry_id                  3CTR 
_struct.title                     'Crystal structure of the RRM-domain of the poly(A)-specific ribonuclease PARN bound to m7GTP' 
_struct.pdbx_model_details        ? 
_struct.pdbx_CASP_flag            ? 
_struct.pdbx_model_type_details   ? 
# 
_struct_keywords.entry_id        3CTR 
_struct_keywords.pdbx_keywords   HYDROLASE 
_struct_keywords.text            
;PARN, Protein-RNA-complex, m7G-cap, m7GTP, RNA recognition motif, RRM, Exonuclease, Hydrolase, Magnesium, Metal-binding, Nonsense-mediated mRNA decay, Nuclease, Nucleus, Phosphoprotein, RNA-binding
;
# 
loop_
_struct_asym.id 
_struct_asym.pdbx_blank_PDB_chainid_flag 
_struct_asym.pdbx_modified 
_struct_asym.entity_id 
_struct_asym.details 
A N N 1 ? 
B N N 2 ? 
C N N 3 ? 
# 
_struct_ref.id                         1 
_struct_ref.db_name                    UNP 
_struct_ref.db_code                    PARN_HUMAN 
_struct_ref.pdbx_db_accession          O95453 
_struct_ref.entity_id                  1 
_struct_ref.pdbx_seq_one_letter_code   
;DHVLHVTFPKEWKTSDLYQLFSAFGNIQISWIDDTSAFVSLSQPEQVKIAVNTSKYAESYRIQTYAEYMGRKQEEKQIKR
KWTEDSWKEADSKRLN
;
_struct_ref.pdbx_align_begin           445 
_struct_ref.pdbx_db_isoform            ? 
# 
_struct_ref_seq.align_id                      1 
_struct_ref_seq.ref_id                        1 
_struct_ref_seq.pdbx_PDB_id_code              3CTR 
_struct_ref_seq.pdbx_strand_id                A 
_struct_ref_seq.seq_align_beg                 6 
_struct_ref_seq.pdbx_seq_align_beg_ins_code   ? 
_struct_ref_seq.seq_align_end                 101 
_struct_ref_seq.pdbx_seq_align_end_ins_code   ? 
_struct_ref_seq.pdbx_db_accession             O95453 
_struct_ref_seq.db_align_beg                  445 
_struct_ref_seq.pdbx_db_align_beg_ins_code    ? 
_struct_ref_seq.db_align_end                  540 
_struct_ref_seq.pdbx_db_align_end_ins_code    ? 
_struct_ref_seq.pdbx_auth_seq_align_beg       445 
_struct_ref_seq.pdbx_auth_seq_align_end       540 
# 
loop_
_struct_ref_seq_dif.align_id 
_struct_ref_seq_dif.pdbx_pdb_id_code 
_struct_ref_seq_dif.mon_id 
_struct_ref_seq_dif.pdbx_pdb_strand_id 
_struct_ref_seq_dif.seq_num 
_struct_ref_seq_dif.pdbx_pdb_ins_code 
_struct_ref_seq_dif.pdbx_seq_db_name 
_struct_ref_seq_dif.pdbx_seq_db_accession_code 
_struct_ref_seq_dif.db_mon_id 
_struct_ref_seq_dif.pdbx_seq_db_seq_num 
_struct_ref_seq_dif.details 
_struct_ref_seq_dif.pdbx_auth_seq_num 
_struct_ref_seq_dif.pdbx_ordinal 
1 3CTR GLY A 1 ? UNP O95453 ? ? 'expression tag' 440 1 
1 3CTR PRO A 2 ? UNP O95453 ? ? 'expression tag' 441 2 
1 3CTR LEU A 3 ? UNP O95453 ? ? 'expression tag' 442 3 
1 3CTR GLY A 4 ? UNP O95453 ? ? 'expression tag' 443 4 
1 3CTR SER A 5 ? UNP O95453 ? ? 'expression tag' 444 5 
# 
loop_
_pdbx_struct_assembly.id 
_pdbx_struct_assembly.details 
_pdbx_struct_assembly.method_details 
_pdbx_struct_assembly.oligomeric_details 
_pdbx_struct_assembly.oligomeric_count 
1 author_defined_assembly   ?    monomeric  1 
2 software_defined_assembly PISA tetrameric 4 
# 
loop_
_pdbx_struct_assembly_prop.biol_id 
_pdbx_struct_assembly_prop.type 
_pdbx_struct_assembly_prop.value 
_pdbx_struct_assembly_prop.details 
2 'ABSA (A^2)' 9560  ? 
2 MORE         -53.8 ? 
2 'SSA (A^2)'  15510 ? 
# 
loop_
_pdbx_struct_assembly_gen.assembly_id 
_pdbx_struct_assembly_gen.oper_expression 
_pdbx_struct_assembly_gen.asym_id_list 
1 1       A,B,C 
2 1,2,3,4 A,B,C 
# 
loop_
_pdbx_struct_oper_list.id 
_pdbx_struct_oper_list.type 
_pdbx_struct_oper_list.name 
_pdbx_struct_oper_list.symmetry_operation 
_pdbx_struct_oper_list.matrix[1][1] 
_pdbx_struct_oper_list.matrix[1][2] 
_pdbx_struct_oper_list.matrix[1][3] 
_pdbx_struct_oper_list.vector[1] 
_pdbx_struct_oper_list.matrix[2][1] 
_pdbx_struct_oper_list.matrix[2][2] 
_pdbx_struct_oper_list.matrix[2][3] 
_pdbx_struct_oper_list.vector[2] 
_pdbx_struct_oper_list.matrix[3][1] 
_pdbx_struct_oper_list.matrix[3][2] 
_pdbx_struct_oper_list.matrix[3][3] 
_pdbx_struct_oper_list.vector[3] 
1 'identity operation'         1_555  x,y,z                1.0000000000  0.0000000000  0.0000000000  0.0000000000  0.0000000000  1.0000000000  0.0000000000  0.0000000000  0.0000000000  0.0000000000  1.0000000000  0.0000000000   
2 'crystal symmetry operation' 7_545  y+1/2,x-1/2,-z+1/2   -0.0677102423 0.6345876653  0.7698790932  9.8516305714  0.6345876653  -0.5680511326 0.5240385537  -1.6955953060 0.7698790932  0.5240385537  -0.3642386251 -10.5322647202 
3 'crystal symmetry operation' 10_655 -x+1,-y,z            -0.5911883380 -0.7910999103 0.1570263705  -1.1228468774 -0.7910999103 0.5308738134  -0.3038649802 -4.3068157522 0.1570263705  -0.3038649802 -0.9396854754 -18.7744813036 
4 'crystal symmetry operation' 16_555 -y+1/2,-x+1/2,-z+1/2 -0.3411014198 0.1565122450  -0.9269054637 -7.2594739889 0.1565122450  -0.9628226808 -0.2201735735 -9.8002005481 -0.9269054637 -0.2201735735 0.3039241006  -6.8152672963 
# 
_struct_biol.id        1 
_struct_biol.details   'The asymmentric unit contains one monomer representing the functional m7G-cap binding motif (RRM) of PARN' 
# 
loop_
_struct_conf.conf_type_id 
_struct_conf.id 
_struct_conf.pdbx_PDB_helix_id 
_struct_conf.beg_label_comp_id 
_struct_conf.beg_label_asym_id 
_struct_conf.beg_label_seq_id 
_struct_conf.pdbx_beg_PDB_ins_code 
_struct_conf.end_label_comp_id 
_struct_conf.end_label_asym_id 
_struct_conf.end_label_seq_id 
_struct_conf.pdbx_end_PDB_ins_code 
_struct_conf.beg_auth_comp_id 
_struct_conf.beg_auth_asym_id 
_struct_conf.beg_auth_seq_id 
_struct_conf.end_auth_comp_id 
_struct_conf.end_auth_asym_id 
_struct_conf.end_auth_seq_id 
_struct_conf.pdbx_PDB_helix_class 
_struct_conf.details 
_struct_conf.pdbx_PDB_helix_length 
HELX_P HELX_P1 1 LYS A 18 ? PHE A 26 ? LYS A 457 PHE A 465 1 ? 9  
HELX_P HELX_P2 2 GLU A 50 ? LYS A 60 ? GLU A 489 LYS A 499 1 ? 11 
HELX_P HELX_P3 3 THR A 69 ? GLY A 75 ? THR A 508 GLY A 514 1 ? 7  
# 
_struct_conf_type.id          HELX_P 
_struct_conf_type.criteria    ? 
_struct_conf_type.reference   ? 
# 
_struct_sheet.id               A 
_struct_sheet.type             ? 
_struct_sheet.number_strands   3 
_struct_sheet.details          ? 
# 
loop_
_struct_sheet_order.sheet_id 
_struct_sheet_order.range_id_1 
_struct_sheet_order.range_id_2 
_struct_sheet_order.offset 
_struct_sheet_order.sense 
A 1 2 ? anti-parallel 
A 2 3 ? anti-parallel 
# 
loop_
_struct_sheet_range.sheet_id 
_struct_sheet_range.id 
_struct_sheet_range.beg_label_comp_id 
_struct_sheet_range.beg_label_asym_id 
_struct_sheet_range.beg_label_seq_id 
_struct_sheet_range.pdbx_beg_PDB_ins_code 
_struct_sheet_range.end_label_comp_id 
_struct_sheet_range.end_label_asym_id 
_struct_sheet_range.end_label_seq_id 
_struct_sheet_range.pdbx_end_PDB_ins_code 
_struct_sheet_range.beg_auth_comp_id 
_struct_sheet_range.beg_auth_asym_id 
_struct_sheet_range.beg_auth_seq_id 
_struct_sheet_range.end_auth_comp_id 
_struct_sheet_range.end_auth_asym_id 
_struct_sheet_range.end_auth_seq_id 
A 1 GLY A 4  ? THR A 12 ? GLY A 443 THR A 451 
A 2 SER A 41 ? PRO A 49 ? SER A 480 PRO A 488 
A 3 GLY A 30 ? ASP A 38 ? GLY A 469 ASP A 477 
# 
loop_
_pdbx_struct_sheet_hbond.sheet_id 
_pdbx_struct_sheet_hbond.range_id_1 
_pdbx_struct_sheet_hbond.range_id_2 
_pdbx_struct_sheet_hbond.range_1_label_atom_id 
_pdbx_struct_sheet_hbond.range_1_label_comp_id 
_pdbx_struct_sheet_hbond.range_1_label_asym_id 
_pdbx_struct_sheet_hbond.range_1_label_seq_id 
_pdbx_struct_sheet_hbond.range_1_PDB_ins_code 
_pdbx_struct_sheet_hbond.range_1_auth_atom_id 
_pdbx_struct_sheet_hbond.range_1_auth_comp_id 
_pdbx_struct_sheet_hbond.range_1_auth_asym_id 
_pdbx_struct_sheet_hbond.range_1_auth_seq_id 
_pdbx_struct_sheet_hbond.range_2_label_atom_id 
_pdbx_struct_sheet_hbond.range_2_label_comp_id 
_pdbx_struct_sheet_hbond.range_2_label_asym_id 
_pdbx_struct_sheet_hbond.range_2_label_seq_id 
_pdbx_struct_sheet_hbond.range_2_PDB_ins_code 
_pdbx_struct_sheet_hbond.range_2_auth_atom_id 
_pdbx_struct_sheet_hbond.range_2_auth_comp_id 
_pdbx_struct_sheet_hbond.range_2_auth_asym_id 
_pdbx_struct_sheet_hbond.range_2_auth_seq_id 
A 1 2 N LEU A 9  ? N LEU A 448 O VAL A 44 ? O VAL A 483 
A 2 3 O PHE A 43 ? O PHE A 482 N SER A 35 ? N SER A 474 
# 
_struct_site.id                   AC1 
_struct_site.pdbx_evidence_code   Software 
_struct_site.pdbx_auth_asym_id    A 
_struct_site.pdbx_auth_comp_id    MGP 
_struct_site.pdbx_auth_seq_id     1 
_struct_site.pdbx_auth_ins_code   ? 
_struct_site.pdbx_num_residues    9 
_struct_site.details              'BINDING SITE FOR RESIDUE MGP A 1' 
# 
loop_
_struct_site_gen.id 
_struct_site_gen.site_id 
_struct_site_gen.pdbx_num_res 
_struct_site_gen.label_comp_id 
_struct_site_gen.label_asym_id 
_struct_site_gen.label_seq_id 
_struct_site_gen.pdbx_auth_ins_code 
_struct_site_gen.auth_comp_id 
_struct_site_gen.auth_asym_id 
_struct_site_gen.auth_seq_id 
_struct_site_gen.label_atom_id 
_struct_site_gen.label_alt_id 
_struct_site_gen.symmetry 
_struct_site_gen.details 
1 AC1 9 LYS A 15 ? LYS A 454 . ? 1_555 ? 
2 AC1 9 TRP A 17 ? TRP A 456 . ? 1_555 ? 
3 AC1 9 LYS A 18 ? LYS A 457 . ? 1_555 ? 
4 AC1 9 GLN A 33 ? GLN A 472 . ? 6_555 ? 
5 AC1 9 TRP A 36 ? TRP A 475 . ? 1_555 ? 
6 AC1 9 ASP A 38 ? ASP A 477 . ? 1_555 ? 
7 AC1 9 ASP A 39 ? ASP A 478 . ? 1_555 ? 
8 AC1 9 HOH C .  ? HOH A 579 . ? 1_555 ? 
9 AC1 9 HOH C .  ? HOH A 608 . ? 1_555 ? 
# 
_pdbx_validate_torsion.id              1 
_pdbx_validate_torsion.PDB_model_num   1 
_pdbx_validate_torsion.auth_comp_id    ASP 
_pdbx_validate_torsion.auth_asym_id    A 
_pdbx_validate_torsion.auth_seq_id     477 
_pdbx_validate_torsion.PDB_ins_code    ? 
_pdbx_validate_torsion.label_alt_id    ? 
_pdbx_validate_torsion.phi             -156.92 
_pdbx_validate_torsion.psi             -157.63 
# 
_pdbx_struct_special_symmetry.id              1 
_pdbx_struct_special_symmetry.PDB_model_num   1 
_pdbx_struct_special_symmetry.auth_asym_id    A 
_pdbx_struct_special_symmetry.auth_comp_id    HOH 
_pdbx_struct_special_symmetry.auth_seq_id     557 
_pdbx_struct_special_symmetry.PDB_ins_code    ? 
_pdbx_struct_special_symmetry.label_asym_id   C 
_pdbx_struct_special_symmetry.label_comp_id   HOH 
_pdbx_struct_special_symmetry.label_seq_id    . 
# 
loop_
_pdbx_unobs_or_zero_occ_residues.id 
_pdbx_unobs_or_zero_occ_residues.PDB_model_num 
_pdbx_unobs_or_zero_occ_residues.polymer_flag 
_pdbx_unobs_or_zero_occ_residues.occupancy_flag 
_pdbx_unobs_or_zero_occ_residues.auth_asym_id 
_pdbx_unobs_or_zero_occ_residues.auth_comp_id 
_pdbx_unobs_or_zero_occ_residues.auth_seq_id 
_pdbx_unobs_or_zero_occ_residues.PDB_ins_code 
_pdbx_unobs_or_zero_occ_residues.label_asym_id 
_pdbx_unobs_or_zero_occ_residues.label_comp_id 
_pdbx_unobs_or_zero_occ_residues.label_seq_id 
1  1 Y 1 A ARG 515 ? A ARG 76  
2  1 Y 1 A LYS 516 ? A LYS 77  
3  1 Y 1 A GLN 517 ? A GLN 78  
4  1 Y 1 A GLU 518 ? A GLU 79  
5  1 Y 1 A GLU 519 ? A GLU 80  
6  1 Y 1 A LYS 520 ? A LYS 81  
7  1 Y 1 A GLN 521 ? A GLN 82  
8  1 Y 1 A ILE 522 ? A ILE 83  
9  1 Y 1 A LYS 523 ? A LYS 84  
10 1 Y 1 A ARG 524 ? A ARG 85  
11 1 Y 1 A LYS 525 ? A LYS 86  
12 1 Y 1 A TRP 526 ? A TRP 87  
13 1 Y 1 A THR 527 ? A THR 88  
14 1 Y 1 A GLU 528 ? A GLU 89  
15 1 Y 1 A ASP 529 ? A ASP 90  
16 1 Y 1 A SER 530 ? A SER 91  
17 1 Y 1 A TRP 531 ? A TRP 92  
18 1 Y 1 A LYS 532 ? A LYS 93  
19 1 Y 1 A GLU 533 ? A GLU 94  
20 1 Y 1 A ALA 534 ? A ALA 95  
21 1 Y 1 A ASP 535 ? A ASP 96  
22 1 Y 1 A SER 536 ? A SER 97  
23 1 Y 1 A LYS 537 ? A LYS 98  
24 1 Y 1 A ARG 538 ? A ARG 99  
25 1 Y 1 A LEU 539 ? A LEU 100 
26 1 Y 1 A ASN 540 ? A ASN 101 
# 
loop_
_chem_comp_atom.comp_id 
_chem_comp_atom.atom_id 
_chem_comp_atom.type_symbol 
_chem_comp_atom.pdbx_aromatic_flag 
_chem_comp_atom.pdbx_stereo_config 
_chem_comp_atom.pdbx_ordinal 
ALA N      N N N 1   
ALA CA     C N S 2   
ALA C      C N N 3   
ALA O      O N N 4   
ALA CB     C N N 5   
ALA OXT    O N N 6   
ALA H      H N N 7   
ALA H2     H N N 8   
ALA HA     H N N 9   
ALA HB1    H N N 10  
ALA HB2    H N N 11  
ALA HB3    H N N 12  
ALA HXT    H N N 13  
ARG N      N N N 14  
ARG CA     C N S 15  
ARG C      C N N 16  
ARG O      O N N 17  
ARG CB     C N N 18  
ARG CG     C N N 19  
ARG CD     C N N 20  
ARG NE     N N N 21  
ARG CZ     C N N 22  
ARG NH1    N N N 23  
ARG NH2    N N N 24  
ARG OXT    O N N 25  
ARG H      H N N 26  
ARG H2     H N N 27  
ARG HA     H N N 28  
ARG HB2    H N N 29  
ARG HB3    H N N 30  
ARG HG2    H N N 31  
ARG HG3    H N N 32  
ARG HD2    H N N 33  
ARG HD3    H N N 34  
ARG HE     H N N 35  
ARG HH11   H N N 36  
ARG HH12   H N N 37  
ARG HH21   H N N 38  
ARG HH22   H N N 39  
ARG HXT    H N N 40  
ASN N      N N N 41  
ASN CA     C N S 42  
ASN C      C N N 43  
ASN O      O N N 44  
ASN CB     C N N 45  
ASN CG     C N N 46  
ASN OD1    O N N 47  
ASN ND2    N N N 48  
ASN OXT    O N N 49  
ASN H      H N N 50  
ASN H2     H N N 51  
ASN HA     H N N 52  
ASN HB2    H N N 53  
ASN HB3    H N N 54  
ASN HD21   H N N 55  
ASN HD22   H N N 56  
ASN HXT    H N N 57  
ASP N      N N N 58  
ASP CA     C N S 59  
ASP C      C N N 60  
ASP O      O N N 61  
ASP CB     C N N 62  
ASP CG     C N N 63  
ASP OD1    O N N 64  
ASP OD2    O N N 65  
ASP OXT    O N N 66  
ASP H      H N N 67  
ASP H2     H N N 68  
ASP HA     H N N 69  
ASP HB2    H N N 70  
ASP HB3    H N N 71  
ASP HD2    H N N 72  
ASP HXT    H N N 73  
GLN N      N N N 74  
GLN CA     C N S 75  
GLN C      C N N 76  
GLN O      O N N 77  
GLN CB     C N N 78  
GLN CG     C N N 79  
GLN CD     C N N 80  
GLN OE1    O N N 81  
GLN NE2    N N N 82  
GLN OXT    O N N 83  
GLN H      H N N 84  
GLN H2     H N N 85  
GLN HA     H N N 86  
GLN HB2    H N N 87  
GLN HB3    H N N 88  
GLN HG2    H N N 89  
GLN HG3    H N N 90  
GLN HE21   H N N 91  
GLN HE22   H N N 92  
GLN HXT    H N N 93  
GLU N      N N N 94  
GLU CA     C N S 95  
GLU C      C N N 96  
GLU O      O N N 97  
GLU CB     C N N 98  
GLU CG     C N N 99  
GLU CD     C N N 100 
GLU OE1    O N N 101 
GLU OE2    O N N 102 
GLU OXT    O N N 103 
GLU H      H N N 104 
GLU H2     H N N 105 
GLU HA     H N N 106 
GLU HB2    H N N 107 
GLU HB3    H N N 108 
GLU HG2    H N N 109 
GLU HG3    H N N 110 
GLU HE2    H N N 111 
GLU HXT    H N N 112 
GLY N      N N N 113 
GLY CA     C N N 114 
GLY C      C N N 115 
GLY O      O N N 116 
GLY OXT    O N N 117 
GLY H      H N N 118 
GLY H2     H N N 119 
GLY HA2    H N N 120 
GLY HA3    H N N 121 
GLY HXT    H N N 122 
HIS N      N N N 123 
HIS CA     C N S 124 
HIS C      C N N 125 
HIS O      O N N 126 
HIS CB     C N N 127 
HIS CG     C Y N 128 
HIS ND1    N Y N 129 
HIS CD2    C Y N 130 
HIS CE1    C Y N 131 
HIS NE2    N Y N 132 
HIS OXT    O N N 133 
HIS H      H N N 134 
HIS H2     H N N 135 
HIS HA     H N N 136 
HIS HB2    H N N 137 
HIS HB3    H N N 138 
HIS HD1    H N N 139 
HIS HD2    H N N 140 
HIS HE1    H N N 141 
HIS HE2    H N N 142 
HIS HXT    H N N 143 
HOH O      O N N 144 
HOH H1     H N N 145 
HOH H2     H N N 146 
ILE N      N N N 147 
ILE CA     C N S 148 
ILE C      C N N 149 
ILE O      O N N 150 
ILE CB     C N S 151 
ILE CG1    C N N 152 
ILE CG2    C N N 153 
ILE CD1    C N N 154 
ILE OXT    O N N 155 
ILE H      H N N 156 
ILE H2     H N N 157 
ILE HA     H N N 158 
ILE HB     H N N 159 
ILE HG12   H N N 160 
ILE HG13   H N N 161 
ILE HG21   H N N 162 
ILE HG22   H N N 163 
ILE HG23   H N N 164 
ILE HD11   H N N 165 
ILE HD12   H N N 166 
ILE HD13   H N N 167 
ILE HXT    H N N 168 
LEU N      N N N 169 
LEU CA     C N S 170 
LEU C      C N N 171 
LEU O      O N N 172 
LEU CB     C N N 173 
LEU CG     C N N 174 
LEU CD1    C N N 175 
LEU CD2    C N N 176 
LEU OXT    O N N 177 
LEU H      H N N 178 
LEU H2     H N N 179 
LEU HA     H N N 180 
LEU HB2    H N N 181 
LEU HB3    H N N 182 
LEU HG     H N N 183 
LEU HD11   H N N 184 
LEU HD12   H N N 185 
LEU HD13   H N N 186 
LEU HD21   H N N 187 
LEU HD22   H N N 188 
LEU HD23   H N N 189 
LEU HXT    H N N 190 
LYS N      N N N 191 
LYS CA     C N S 192 
LYS C      C N N 193 
LYS O      O N N 194 
LYS CB     C N N 195 
LYS CG     C N N 196 
LYS CD     C N N 197 
LYS CE     C N N 198 
LYS NZ     N N N 199 
LYS OXT    O N N 200 
LYS H      H N N 201 
LYS H2     H N N 202 
LYS HA     H N N 203 
LYS HB2    H N N 204 
LYS HB3    H N N 205 
LYS HG2    H N N 206 
LYS HG3    H N N 207 
LYS HD2    H N N 208 
LYS HD3    H N N 209 
LYS HE2    H N N 210 
LYS HE3    H N N 211 
LYS HZ1    H N N 212 
LYS HZ2    H N N 213 
LYS HZ3    H N N 214 
LYS HXT    H N N 215 
MET N      N N N 216 
MET CA     C N S 217 
MET C      C N N 218 
MET O      O N N 219 
MET CB     C N N 220 
MET CG     C N N 221 
MET SD     S N N 222 
MET CE     C N N 223 
MET OXT    O N N 224 
MET H      H N N 225 
MET H2     H N N 226 
MET HA     H N N 227 
MET HB2    H N N 228 
MET HB3    H N N 229 
MET HG2    H N N 230 
MET HG3    H N N 231 
MET HE1    H N N 232 
MET HE2    H N N 233 
MET HE3    H N N 234 
MET HXT    H N N 235 
MGP PA     P N R 236 
MGP O1A    O N N 237 
MGP O2A    O N N 238 
MGP O3A    O N N 239 
MGP "O5'"  O N N 240 
MGP PB     P N S 241 
MGP O1B    O N N 242 
MGP O2B    O N N 243 
MGP O3B    O N N 244 
MGP PC     P N N 245 
MGP O1C    O N N 246 
MGP O2C    O N N 247 
MGP O3C    O N N 248 
MGP "C5'"  C N N 249 
MGP "C4'"  C N R 250 
MGP "O4'"  O N N 251 
MGP "C3'"  C N S 252 
MGP "O3'"  O N N 253 
MGP "C2'"  C N R 254 
MGP "O2'"  O N N 255 
MGP "C1'"  C N R 256 
MGP N9     N Y N 257 
MGP C8     C Y N 258 
MGP N7     N Y N 259 
MGP CM7    C N N 260 
MGP C5     C Y N 261 
MGP C6     C N N 262 
MGP O6     O N N 263 
MGP N1     N N N 264 
MGP C2     C N N 265 
MGP N2     N N N 266 
MGP N3     N N N 267 
MGP C4     C Y N 268 
MGP "H5'"  H N N 269 
MGP "H5'A" H N N 270 
MGP "H4'"  H N N 271 
MGP "H3'"  H N N 272 
MGP "HO3'" H N N 273 
MGP "H2'"  H N N 274 
MGP "HO2'" H N N 275 
MGP "H1'"  H N N 276 
MGP H8     H N N 277 
MGP HM7    H N N 278 
MGP HM7A   H N N 279 
MGP HM7B   H N N 280 
MGP HN1    H N N 281 
MGP HN2    H N N 282 
MGP HN2A   H N N 283 
MGP H16    H N N 284 
MGP H17    H N N 285 
MGP H18    H N N 286 
MGP H19    H N N 287 
PHE N      N N N 288 
PHE CA     C N S 289 
PHE C      C N N 290 
PHE O      O N N 291 
PHE CB     C N N 292 
PHE CG     C Y N 293 
PHE CD1    C Y N 294 
PHE CD2    C Y N 295 
PHE CE1    C Y N 296 
PHE CE2    C Y N 297 
PHE CZ     C Y N 298 
PHE OXT    O N N 299 
PHE H      H N N 300 
PHE H2     H N N 301 
PHE HA     H N N 302 
PHE HB2    H N N 303 
PHE HB3    H N N 304 
PHE HD1    H N N 305 
PHE HD2    H N N 306 
PHE HE1    H N N 307 
PHE HE2    H N N 308 
PHE HZ     H N N 309 
PHE HXT    H N N 310 
PRO N      N N N 311 
PRO CA     C N S 312 
PRO C      C N N 313 
PRO O      O N N 314 
PRO CB     C N N 315 
PRO CG     C N N 316 
PRO CD     C N N 317 
PRO OXT    O N N 318 
PRO H      H N N 319 
PRO HA     H N N 320 
PRO HB2    H N N 321 
PRO HB3    H N N 322 
PRO HG2    H N N 323 
PRO HG3    H N N 324 
PRO HD2    H N N 325 
PRO HD3    H N N 326 
PRO HXT    H N N 327 
SER N      N N N 328 
SER CA     C N S 329 
SER C      C N N 330 
SER O      O N N 331 
SER CB     C N N 332 
SER OG     O N N 333 
SER OXT    O N N 334 
SER H      H N N 335 
SER H2     H N N 336 
SER HA     H N N 337 
SER HB2    H N N 338 
SER HB3    H N N 339 
SER HG     H N N 340 
SER HXT    H N N 341 
THR N      N N N 342 
THR CA     C N S 343 
THR C      C N N 344 
THR O      O N N 345 
THR CB     C N R 346 
THR OG1    O N N 347 
THR CG2    C N N 348 
THR OXT    O N N 349 
THR H      H N N 350 
THR H2     H N N 351 
THR HA     H N N 352 
THR HB     H N N 353 
THR HG1    H N N 354 
THR HG21   H N N 355 
THR HG22   H N N 356 
THR HG23   H N N 357 
THR HXT    H N N 358 
TRP N      N N N 359 
TRP CA     C N S 360 
TRP C      C N N 361 
TRP O      O N N 362 
TRP CB     C N N 363 
TRP CG     C Y N 364 
TRP CD1    C Y N 365 
TRP CD2    C Y N 366 
TRP NE1    N Y N 367 
TRP CE2    C Y N 368 
TRP CE3    C Y N 369 
TRP CZ2    C Y N 370 
TRP CZ3    C Y N 371 
TRP CH2    C Y N 372 
TRP OXT    O N N 373 
TRP H      H N N 374 
TRP H2     H N N 375 
TRP HA     H N N 376 
TRP HB2    H N N 377 
TRP HB3    H N N 378 
TRP HD1    H N N 379 
TRP HE1    H N N 380 
TRP HE3    H N N 381 
TRP HZ2    H N N 382 
TRP HZ3    H N N 383 
TRP HH2    H N N 384 
TRP HXT    H N N 385 
TYR N      N N N 386 
TYR CA     C N S 387 
TYR C      C N N 388 
TYR O      O N N 389 
TYR CB     C N N 390 
TYR CG     C Y N 391 
TYR CD1    C Y N 392 
TYR CD2    C Y N 393 
TYR CE1    C Y N 394 
TYR CE2    C Y N 395 
TYR CZ     C Y N 396 
TYR OH     O N N 397 
TYR OXT    O N N 398 
TYR H      H N N 399 
TYR H2     H N N 400 
TYR HA     H N N 401 
TYR HB2    H N N 402 
TYR HB3    H N N 403 
TYR HD1    H N N 404 
TYR HD2    H N N 405 
TYR HE1    H N N 406 
TYR HE2    H N N 407 
TYR HH     H N N 408 
TYR HXT    H N N 409 
VAL N      N N N 410 
VAL CA     C N S 411 
VAL C      C N N 412 
VAL O      O N N 413 
VAL CB     C N N 414 
VAL CG1    C N N 415 
VAL CG2    C N N 416 
VAL OXT    O N N 417 
VAL H      H N N 418 
VAL H2     H N N 419 
VAL HA     H N N 420 
VAL HB     H N N 421 
VAL HG11   H N N 422 
VAL HG12   H N N 423 
VAL HG13   H N N 424 
VAL HG21   H N N 425 
VAL HG22   H N N 426 
VAL HG23   H N N 427 
VAL HXT    H N N 428 
# 
loop_
_chem_comp_bond.comp_id 
_chem_comp_bond.atom_id_1 
_chem_comp_bond.atom_id_2 
_chem_comp_bond.value_order 
_chem_comp_bond.pdbx_aromatic_flag 
_chem_comp_bond.pdbx_stereo_config 
_chem_comp_bond.pdbx_ordinal 
ALA N     CA     sing N N 1   
ALA N     H      sing N N 2   
ALA N     H2     sing N N 3   
ALA CA    C      sing N N 4   
ALA CA    CB     sing N N 5   
ALA CA    HA     sing N N 6   
ALA C     O      doub N N 7   
ALA C     OXT    sing N N 8   
ALA CB    HB1    sing N N 9   
ALA CB    HB2    sing N N 10  
ALA CB    HB3    sing N N 11  
ALA OXT   HXT    sing N N 12  
ARG N     CA     sing N N 13  
ARG N     H      sing N N 14  
ARG N     H2     sing N N 15  
ARG CA    C      sing N N 16  
ARG CA    CB     sing N N 17  
ARG CA    HA     sing N N 18  
ARG C     O      doub N N 19  
ARG C     OXT    sing N N 20  
ARG CB    CG     sing N N 21  
ARG CB    HB2    sing N N 22  
ARG CB    HB3    sing N N 23  
ARG CG    CD     sing N N 24  
ARG CG    HG2    sing N N 25  
ARG CG    HG3    sing N N 26  
ARG CD    NE     sing N N 27  
ARG CD    HD2    sing N N 28  
ARG CD    HD3    sing N N 29  
ARG NE    CZ     sing N N 30  
ARG NE    HE     sing N N 31  
ARG CZ    NH1    sing N N 32  
ARG CZ    NH2    doub N N 33  
ARG NH1   HH11   sing N N 34  
ARG NH1   HH12   sing N N 35  
ARG NH2   HH21   sing N N 36  
ARG NH2   HH22   sing N N 37  
ARG OXT   HXT    sing N N 38  
ASN N     CA     sing N N 39  
ASN N     H      sing N N 40  
ASN N     H2     sing N N 41  
ASN CA    C      sing N N 42  
ASN CA    CB     sing N N 43  
ASN CA    HA     sing N N 44  
ASN C     O      doub N N 45  
ASN C     OXT    sing N N 46  
ASN CB    CG     sing N N 47  
ASN CB    HB2    sing N N 48  
ASN CB    HB3    sing N N 49  
ASN CG    OD1    doub N N 50  
ASN CG    ND2    sing N N 51  
ASN ND2   HD21   sing N N 52  
ASN ND2   HD22   sing N N 53  
ASN OXT   HXT    sing N N 54  
ASP N     CA     sing N N 55  
ASP N     H      sing N N 56  
ASP N     H2     sing N N 57  
ASP CA    C      sing N N 58  
ASP CA    CB     sing N N 59  
ASP CA    HA     sing N N 60  
ASP C     O      doub N N 61  
ASP C     OXT    sing N N 62  
ASP CB    CG     sing N N 63  
ASP CB    HB2    sing N N 64  
ASP CB    HB3    sing N N 65  
ASP CG    OD1    doub N N 66  
ASP CG    OD2    sing N N 67  
ASP OD2   HD2    sing N N 68  
ASP OXT   HXT    sing N N 69  
GLN N     CA     sing N N 70  
GLN N     H      sing N N 71  
GLN N     H2     sing N N 72  
GLN CA    C      sing N N 73  
GLN CA    CB     sing N N 74  
GLN CA    HA     sing N N 75  
GLN C     O      doub N N 76  
GLN C     OXT    sing N N 77  
GLN CB    CG     sing N N 78  
GLN CB    HB2    sing N N 79  
GLN CB    HB3    sing N N 80  
GLN CG    CD     sing N N 81  
GLN CG    HG2    sing N N 82  
GLN CG    HG3    sing N N 83  
GLN CD    OE1    doub N N 84  
GLN CD    NE2    sing N N 85  
GLN NE2   HE21   sing N N 86  
GLN NE2   HE22   sing N N 87  
GLN OXT   HXT    sing N N 88  
GLU N     CA     sing N N 89  
GLU N     H      sing N N 90  
GLU N     H2     sing N N 91  
GLU CA    C      sing N N 92  
GLU CA    CB     sing N N 93  
GLU CA    HA     sing N N 94  
GLU C     O      doub N N 95  
GLU C     OXT    sing N N 96  
GLU CB    CG     sing N N 97  
GLU CB    HB2    sing N N 98  
GLU CB    HB3    sing N N 99  
GLU CG    CD     sing N N 100 
GLU CG    HG2    sing N N 101 
GLU CG    HG3    sing N N 102 
GLU CD    OE1    doub N N 103 
GLU CD    OE2    sing N N 104 
GLU OE2   HE2    sing N N 105 
GLU OXT   HXT    sing N N 106 
GLY N     CA     sing N N 107 
GLY N     H      sing N N 108 
GLY N     H2     sing N N 109 
GLY CA    C      sing N N 110 
GLY CA    HA2    sing N N 111 
GLY CA    HA3    sing N N 112 
GLY C     O      doub N N 113 
GLY C     OXT    sing N N 114 
GLY OXT   HXT    sing N N 115 
HIS N     CA     sing N N 116 
HIS N     H      sing N N 117 
HIS N     H2     sing N N 118 
HIS CA    C      sing N N 119 
HIS CA    CB     sing N N 120 
HIS CA    HA     sing N N 121 
HIS C     O      doub N N 122 
HIS C     OXT    sing N N 123 
HIS CB    CG     sing N N 124 
HIS CB    HB2    sing N N 125 
HIS CB    HB3    sing N N 126 
HIS CG    ND1    sing Y N 127 
HIS CG    CD2    doub Y N 128 
HIS ND1   CE1    doub Y N 129 
HIS ND1   HD1    sing N N 130 
HIS CD2   NE2    sing Y N 131 
HIS CD2   HD2    sing N N 132 
HIS CE1   NE2    sing Y N 133 
HIS CE1   HE1    sing N N 134 
HIS NE2   HE2    sing N N 135 
HIS OXT   HXT    sing N N 136 
HOH O     H1     sing N N 137 
HOH O     H2     sing N N 138 
ILE N     CA     sing N N 139 
ILE N     H      sing N N 140 
ILE N     H2     sing N N 141 
ILE CA    C      sing N N 142 
ILE CA    CB     sing N N 143 
ILE CA    HA     sing N N 144 
ILE C     O      doub N N 145 
ILE C     OXT    sing N N 146 
ILE CB    CG1    sing N N 147 
ILE CB    CG2    sing N N 148 
ILE CB    HB     sing N N 149 
ILE CG1   CD1    sing N N 150 
ILE CG1   HG12   sing N N 151 
ILE CG1   HG13   sing N N 152 
ILE CG2   HG21   sing N N 153 
ILE CG2   HG22   sing N N 154 
ILE CG2   HG23   sing N N 155 
ILE CD1   HD11   sing N N 156 
ILE CD1   HD12   sing N N 157 
ILE CD1   HD13   sing N N 158 
ILE OXT   HXT    sing N N 159 
LEU N     CA     sing N N 160 
LEU N     H      sing N N 161 
LEU N     H2     sing N N 162 
LEU CA    C      sing N N 163 
LEU CA    CB     sing N N 164 
LEU CA    HA     sing N N 165 
LEU C     O      doub N N 166 
LEU C     OXT    sing N N 167 
LEU CB    CG     sing N N 168 
LEU CB    HB2    sing N N 169 
LEU CB    HB3    sing N N 170 
LEU CG    CD1    sing N N 171 
LEU CG    CD2    sing N N 172 
LEU CG    HG     sing N N 173 
LEU CD1   HD11   sing N N 174 
LEU CD1   HD12   sing N N 175 
LEU CD1   HD13   sing N N 176 
LEU CD2   HD21   sing N N 177 
LEU CD2   HD22   sing N N 178 
LEU CD2   HD23   sing N N 179 
LEU OXT   HXT    sing N N 180 
LYS N     CA     sing N N 181 
LYS N     H      sing N N 182 
LYS N     H2     sing N N 183 
LYS CA    C      sing N N 184 
LYS CA    CB     sing N N 185 
LYS CA    HA     sing N N 186 
LYS C     O      doub N N 187 
LYS C     OXT    sing N N 188 
LYS CB    CG     sing N N 189 
LYS CB    HB2    sing N N 190 
LYS CB    HB3    sing N N 191 
LYS CG    CD     sing N N 192 
LYS CG    HG2    sing N N 193 
LYS CG    HG3    sing N N 194 
LYS CD    CE     sing N N 195 
LYS CD    HD2    sing N N 196 
LYS CD    HD3    sing N N 197 
LYS CE    NZ     sing N N 198 
LYS CE    HE2    sing N N 199 
LYS CE    HE3    sing N N 200 
LYS NZ    HZ1    sing N N 201 
LYS NZ    HZ2    sing N N 202 
LYS NZ    HZ3    sing N N 203 
LYS OXT   HXT    sing N N 204 
MET N     CA     sing N N 205 
MET N     H      sing N N 206 
MET N     H2     sing N N 207 
MET CA    C      sing N N 208 
MET CA    CB     sing N N 209 
MET CA    HA     sing N N 210 
MET C     O      doub N N 211 
MET C     OXT    sing N N 212 
MET CB    CG     sing N N 213 
MET CB    HB2    sing N N 214 
MET CB    HB3    sing N N 215 
MET CG    SD     sing N N 216 
MET CG    HG2    sing N N 217 
MET CG    HG3    sing N N 218 
MET SD    CE     sing N N 219 
MET CE    HE1    sing N N 220 
MET CE    HE2    sing N N 221 
MET CE    HE3    sing N N 222 
MET OXT   HXT    sing N N 223 
MGP PA    O1A    sing N N 224 
MGP PA    O2A    doub N N 225 
MGP PA    O3A    sing N N 226 
MGP PA    "O5'"  sing N N 227 
MGP O3A   PB     sing N N 228 
MGP "O5'" "C5'"  sing N N 229 
MGP PB    O1B    sing N N 230 
MGP PB    O2B    doub N N 231 
MGP PB    O3B    sing N N 232 
MGP O3B   PC     sing N N 233 
MGP PC    O1C    sing N N 234 
MGP PC    O2C    doub N N 235 
MGP PC    O3C    sing N N 236 
MGP "C5'" "C4'"  sing N N 237 
MGP "C5'" "H5'"  sing N N 238 
MGP "C5'" "H5'A" sing N N 239 
MGP "C4'" "O4'"  sing N N 240 
MGP "C4'" "C3'"  sing N N 241 
MGP "C4'" "H4'"  sing N N 242 
MGP "O4'" "C1'"  sing N N 243 
MGP "C3'" "O3'"  sing N N 244 
MGP "C3'" "C2'"  sing N N 245 
MGP "C3'" "H3'"  sing N N 246 
MGP "O3'" "HO3'" sing N N 247 
MGP "C2'" "O2'"  sing N N 248 
MGP "C2'" "C1'"  sing N N 249 
MGP "C2'" "H2'"  sing N N 250 
MGP "O2'" "HO2'" sing N N 251 
MGP "C1'" N9     sing N N 252 
MGP "C1'" "H1'"  sing N N 253 
MGP N9    C8     sing Y N 254 
MGP N9    C4     sing Y N 255 
MGP C8    N7     doub Y N 256 
MGP C8    H8     sing N N 257 
MGP N7    CM7    sing N N 258 
MGP N7    C5     sing Y N 259 
MGP CM7   HM7    sing N N 260 
MGP CM7   HM7A   sing N N 261 
MGP CM7   HM7B   sing N N 262 
MGP C5    C6     sing N N 263 
MGP C5    C4     doub Y N 264 
MGP C6    O6     doub N N 265 
MGP C6    N1     sing N N 266 
MGP N1    C2     sing N N 267 
MGP N1    HN1    sing N N 268 
MGP C2    N2     sing N N 269 
MGP C2    N3     doub N N 270 
MGP N2    HN2    sing N N 271 
MGP N2    HN2A   sing N N 272 
MGP N3    C4     sing N N 273 
MGP O1A   H16    sing N N 274 
MGP O1B   H17    sing N N 275 
MGP O1C   H18    sing N N 276 
MGP O3C   H19    sing N N 277 
PHE N     CA     sing N N 278 
PHE N     H      sing N N 279 
PHE N     H2     sing N N 280 
PHE CA    C      sing N N 281 
PHE CA    CB     sing N N 282 
PHE CA    HA     sing N N 283 
PHE C     O      doub N N 284 
PHE C     OXT    sing N N 285 
PHE CB    CG     sing N N 286 
PHE CB    HB2    sing N N 287 
PHE CB    HB3    sing N N 288 
PHE CG    CD1    doub Y N 289 
PHE CG    CD2    sing Y N 290 
PHE CD1   CE1    sing Y N 291 
PHE CD1   HD1    sing N N 292 
PHE CD2   CE2    doub Y N 293 
PHE CD2   HD2    sing N N 294 
PHE CE1   CZ     doub Y N 295 
PHE CE1   HE1    sing N N 296 
PHE CE2   CZ     sing Y N 297 
PHE CE2   HE2    sing N N 298 
PHE CZ    HZ     sing N N 299 
PHE OXT   HXT    sing N N 300 
PRO N     CA     sing N N 301 
PRO N     CD     sing N N 302 
PRO N     H      sing N N 303 
PRO CA    C      sing N N 304 
PRO CA    CB     sing N N 305 
PRO CA    HA     sing N N 306 
PRO C     O      doub N N 307 
PRO C     OXT    sing N N 308 
PRO CB    CG     sing N N 309 
PRO CB    HB2    sing N N 310 
PRO CB    HB3    sing N N 311 
PRO CG    CD     sing N N 312 
PRO CG    HG2    sing N N 313 
PRO CG    HG3    sing N N 314 
PRO CD    HD2    sing N N 315 
PRO CD    HD3    sing N N 316 
PRO OXT   HXT    sing N N 317 
SER N     CA     sing N N 318 
SER N     H      sing N N 319 
SER N     H2     sing N N 320 
SER CA    C      sing N N 321 
SER CA    CB     sing N N 322 
SER CA    HA     sing N N 323 
SER C     O      doub N N 324 
SER C     OXT    sing N N 325 
SER CB    OG     sing N N 326 
SER CB    HB2    sing N N 327 
SER CB    HB3    sing N N 328 
SER OG    HG     sing N N 329 
SER OXT   HXT    sing N N 330 
THR N     CA     sing N N 331 
THR N     H      sing N N 332 
THR N     H2     sing N N 333 
THR CA    C      sing N N 334 
THR CA    CB     sing N N 335 
THR CA    HA     sing N N 336 
THR C     O      doub N N 337 
THR C     OXT    sing N N 338 
THR CB    OG1    sing N N 339 
THR CB    CG2    sing N N 340 
THR CB    HB     sing N N 341 
THR OG1   HG1    sing N N 342 
THR CG2   HG21   sing N N 343 
THR CG2   HG22   sing N N 344 
THR CG2   HG23   sing N N 345 
THR OXT   HXT    sing N N 346 
TRP N     CA     sing N N 347 
TRP N     H      sing N N 348 
TRP N     H2     sing N N 349 
TRP CA    C      sing N N 350 
TRP CA    CB     sing N N 351 
TRP CA    HA     sing N N 352 
TRP C     O      doub N N 353 
TRP C     OXT    sing N N 354 
TRP CB    CG     sing N N 355 
TRP CB    HB2    sing N N 356 
TRP CB    HB3    sing N N 357 
TRP CG    CD1    doub Y N 358 
TRP CG    CD2    sing Y N 359 
TRP CD1   NE1    sing Y N 360 
TRP CD1   HD1    sing N N 361 
TRP CD2   CE2    doub Y N 362 
TRP CD2   CE3    sing Y N 363 
TRP NE1   CE2    sing Y N 364 
TRP NE1   HE1    sing N N 365 
TRP CE2   CZ2    sing Y N 366 
TRP CE3   CZ3    doub Y N 367 
TRP CE3   HE3    sing N N 368 
TRP CZ2   CH2    doub Y N 369 
TRP CZ2   HZ2    sing N N 370 
TRP CZ3   CH2    sing Y N 371 
TRP CZ3   HZ3    sing N N 372 
TRP CH2   HH2    sing N N 373 
TRP OXT   HXT    sing N N 374 
TYR N     CA     sing N N 375 
TYR N     H      sing N N 376 
TYR N     H2     sing N N 377 
TYR CA    C      sing N N 378 
TYR CA    CB     sing N N 379 
TYR CA    HA     sing N N 380 
TYR C     O      doub N N 381 
TYR C     OXT    sing N N 382 
TYR CB    CG     sing N N 383 
TYR CB    HB2    sing N N 384 
TYR CB    HB3    sing N N 385 
TYR CG    CD1    doub Y N 386 
TYR CG    CD2    sing Y N 387 
TYR CD1   CE1    sing Y N 388 
TYR CD1   HD1    sing N N 389 
TYR CD2   CE2    doub Y N 390 
TYR CD2   HD2    sing N N 391 
TYR CE1   CZ     doub Y N 392 
TYR CE1   HE1    sing N N 393 
TYR CE2   CZ     sing Y N 394 
TYR CE2   HE2    sing N N 395 
TYR CZ    OH     sing N N 396 
TYR OH    HH     sing N N 397 
TYR OXT   HXT    sing N N 398 
VAL N     CA     sing N N 399 
VAL N     H      sing N N 400 
VAL N     H2     sing N N 401 
VAL CA    C      sing N N 402 
VAL CA    CB     sing N N 403 
VAL CA    HA     sing N N 404 
VAL C     O      doub N N 405 
VAL C     OXT    sing N N 406 
VAL CB    CG1    sing N N 407 
VAL CB    CG2    sing N N 408 
VAL CB    HB     sing N N 409 
VAL CG1   HG11   sing N N 410 
VAL CG1   HG12   sing N N 411 
VAL CG1   HG13   sing N N 412 
VAL CG2   HG21   sing N N 413 
VAL CG2   HG22   sing N N 414 
VAL CG2   HG23   sing N N 415 
VAL OXT   HXT    sing N N 416 
# 
_atom_sites.entry_id                    3CTR 
_atom_sites.fract_transf_matrix[1][1]   0.01095603 
_atom_sites.fract_transf_matrix[1][2]   0.00524009 
_atom_sites.fract_transf_matrix[1][3]   -0.00212397 
_atom_sites.fract_transf_matrix[2][1]   0.00094826 
_atom_sites.fract_transf_matrix[2][2]   0.00286288 
_atom_sites.fract_transf_matrix[2][3]   0.01195445 
_atom_sites.fract_transf_matrix[3][1]   0.00579201 
_atom_sites.fract_transf_matrix[3][2]   -0.01120825 
_atom_sites.fract_transf_matrix[3][3]   0.00222474 
_atom_sites.fract_transf_vector[1]      0.497481 
_atom_sites.fract_transf_vector[2]      0.118917 
_atom_sites.fract_transf_vector[3]      0.223683 
# 
loop_
_atom_type.symbol 
C 
N 
O 
P 
S 
# 
loop_
_atom_site.group_PDB 
_atom_site.id 
_atom_site.type_symbol 
_atom_site.label_atom_id 
_atom_site.label_alt_id 
_atom_site.label_comp_id 
_atom_site.label_asym_id 
_atom_site.label_entity_id 
_atom_site.label_seq_id 
_atom_site.pdbx_PDB_ins_code 
_atom_site.Cartn_x 
_atom_site.Cartn_y 
_atom_site.Cartn_z 
_atom_site.occupancy 
_atom_site.B_iso_or_equiv 
_atom_site.pdbx_formal_charge 
_atom_site.auth_seq_id 
_atom_site.auth_comp_id 
_atom_site.auth_asym_id 
_atom_site.auth_atom_id 
_atom_site.pdbx_PDB_model_num 
ATOM   1   N N     . GLY A 1 1  ? 3.729   -7.187  5.894  1.00 57.11 ? 440 GLY A N     1 
ATOM   2   C CA    . GLY A 1 1  ? 4.181   -6.196  6.946  1.00 57.35 ? 440 GLY A CA    1 
ATOM   3   C C     . GLY A 1 1  ? 5.514   -5.550  6.587  1.00 56.34 ? 440 GLY A C     1 
ATOM   4   O O     . GLY A 1 1  ? 5.618   -4.319  6.477  1.00 57.34 ? 440 GLY A O     1 
ATOM   5   N N     . PRO A 1 2  ? 6.558   -6.376  6.440  1.00 55.22 ? 441 PRO A N     1 
ATOM   6   C CA    . PRO A 1 2  ? 7.636   -6.005  5.542  1.00 53.55 ? 441 PRO A CA    1 
ATOM   7   C C     . PRO A 1 2  ? 7.237   -6.242  4.065  1.00 52.05 ? 441 PRO A C     1 
ATOM   8   O O     . PRO A 1 2  ? 7.920   -5.747  3.169  1.00 52.87 ? 441 PRO A O     1 
ATOM   9   C CB    . PRO A 1 2  ? 8.752   -6.968  5.939  1.00 53.81 ? 441 PRO A CB    1 
ATOM   10  C CG    . PRO A 1 2  ? 8.044   -8.182  6.414  1.00 54.44 ? 441 PRO A CG    1 
ATOM   11  C CD    . PRO A 1 2  ? 6.822   -7.660  7.124  1.00 55.37 ? 441 PRO A CD    1 
ATOM   12  N N     . LEU A 1 3  ? 6.149   -6.978  3.813  1.00 48.93 ? 442 LEU A N     1 
ATOM   13  C CA    . LEU A 1 3  ? 5.725   -7.283  2.438  1.00 46.06 ? 442 LEU A CA    1 
ATOM   14  C C     . LEU A 1 3  ? 4.749   -6.248  1.876  1.00 45.47 ? 442 LEU A C     1 
ATOM   15  O O     . LEU A 1 3  ? 4.476   -6.226  0.679  1.00 43.95 ? 442 LEU A O     1 
ATOM   16  C CB    . LEU A 1 3  ? 5.150   -8.691  2.353  1.00 45.64 ? 442 LEU A CB    1 
ATOM   17  C CG    . LEU A 1 3  ? 6.130   -9.761  2.861  1.00 44.30 ? 442 LEU A CG    1 
ATOM   18  C CD1   . LEU A 1 3  ? 5.513   -11.128 2.795  1.00 43.68 ? 442 LEU A CD1   1 
ATOM   19  C CD2   . LEU A 1 3  ? 7.411   -9.706  2.073  1.00 40.82 ? 442 LEU A CD2   1 
ATOM   20  N N     . GLY A 1 4  ? 4.236   -5.392  2.754  1.00 44.45 ? 443 GLY A N     1 
ATOM   21  C CA    . GLY A 1 4  ? 3.358   -4.284  2.348  1.00 44.52 ? 443 GLY A CA    1 
ATOM   22  C C     . GLY A 1 4  ? 3.758   -3.034  3.105  1.00 44.12 ? 443 GLY A C     1 
ATOM   23  O O     . GLY A 1 4  ? 4.179   -3.131  4.264  1.00 44.91 ? 443 GLY A O     1 
ATOM   24  N N     . SER A 1 5  ? 3.687   -1.869  2.466  1.00 42.54 ? 444 SER A N     1 
ATOM   25  C CA    . SER A 1 5  ? 3.987   -0.641  3.193  1.00 41.75 ? 444 SER A CA    1 
ATOM   26  C C     . SER A 1 5  ? 2.709   0.127   3.535  1.00 41.59 ? 444 SER A C     1 
ATOM   27  O O     . SER A 1 5  ? 1.772   0.205   2.731  1.00 40.28 ? 444 SER A O     1 
ATOM   28  C CB    . SER A 1 5  ? 4.989   0.234   2.450  1.00 41.52 ? 444 SER A CB    1 
ATOM   29  O OG    . SER A 1 5  ? 4.457   0.668   1.213  1.00 42.81 ? 444 SER A OG    1 
ATOM   30  N N     . ASP A 1 6  ? 2.687   0.682   4.745  1.00 40.85 ? 445 ASP A N     1 
ATOM   31  C CA    . ASP A 1 6  ? 1.531   1.400   5.237  1.00 40.21 ? 445 ASP A CA    1 
ATOM   32  C C     . ASP A 1 6  ? 1.772   2.874   5.007  1.00 39.53 ? 445 ASP A C     1 
ATOM   33  O O     . ASP A 1 6  ? 2.873   3.388   5.250  1.00 40.17 ? 445 ASP A O     1 
ATOM   34  C CB    . ASP A 1 6  ? 1.284   1.094   6.714  1.00 40.46 ? 445 ASP A CB    1 
ATOM   35  C CG    . ASP A 1 6  ? 0.982   -0.370  6.953  1.00 42.48 ? 445 ASP A CG    1 
ATOM   36  O OD1   . ASP A 1 6  ? -0.112  -0.831  6.577  1.00 45.74 ? 445 ASP A OD1   1 
ATOM   37  O OD2   . ASP A 1 6  ? 1.846   -1.060  7.520  1.00 44.39 ? 445 ASP A OD2   1 
ATOM   38  N N     . HIS A 1 7  ? 0.754   3.544   4.492  1.00 38.10 ? 446 HIS A N     1 
ATOM   39  C CA    . HIS A 1 7  ? 0.870   4.947   4.122  1.00 37.78 ? 446 HIS A CA    1 
ATOM   40  C C     . HIS A 1 7  ? -0.363  5.666   4.606  1.00 37.31 ? 446 HIS A C     1 
ATOM   41  O O     . HIS A 1 7  ? -1.445  5.082   4.651  1.00 37.15 ? 446 HIS A O     1 
ATOM   42  C CB    . HIS A 1 7  ? 0.942   5.114   2.598  1.00 38.47 ? 446 HIS A CB    1 
ATOM   43  C CG    . HIS A 1 7  ? 2.115   4.434   1.966  1.00 37.88 ? 446 HIS A CG    1 
ATOM   44  N ND1   . HIS A 1 7  ? 3.197   5.130   1.477  1.00 40.31 ? 446 HIS A ND1   1 
ATOM   45  C CD2   . HIS A 1 7  ? 2.386   3.119   1.760  1.00 39.07 ? 446 HIS A CD2   1 
ATOM   46  C CE1   . HIS A 1 7  ? 4.091   4.274   1.001  1.00 41.03 ? 446 HIS A CE1   1 
ATOM   47  N NE2   . HIS A 1 7  ? 3.619   3.049   1.151  1.00 38.92 ? 446 HIS A NE2   1 
ATOM   48  N N     . VAL A 1 8  ? -0.190  6.928   4.985  1.00 36.69 ? 447 VAL A N     1 
ATOM   49  C CA    . VAL A 1 8  ? -1.325  7.789   5.206  1.00 36.51 ? 447 VAL A CA    1 
ATOM   50  C C     . VAL A 1 8  ? -1.176  8.951   4.260  1.00 36.52 ? 447 VAL A C     1 
ATOM   51  O O     . VAL A 1 8  ? -0.105  9.554   4.188  1.00 36.60 ? 447 VAL A O     1 
ATOM   52  C CB    . VAL A 1 8  ? -1.396  8.334   6.674  1.00 36.82 ? 447 VAL A CB    1 
ATOM   53  C CG1   . VAL A 1 8  ? -2.607  9.287   6.837  1.00 34.92 ? 447 VAL A CG1   1 
ATOM   54  C CG2   . VAL A 1 8  ? -1.510  7.190   7.670  1.00 36.13 ? 447 VAL A CG2   1 
ATOM   55  N N     . LEU A 1 9  ? -2.260  9.276   3.564  1.00 36.06 ? 448 LEU A N     1 
ATOM   56  C CA    . LEU A 1 9  ? -2.264  10.342  2.571  1.00 36.55 ? 448 LEU A CA    1 
ATOM   57  C C     . LEU A 1 9  ? -3.333  11.365  2.920  1.00 36.46 ? 448 LEU A C     1 
ATOM   58  O O     . LEU A 1 9  ? -4.297  11.052  3.623  1.00 37.11 ? 448 LEU A O     1 
ATOM   59  C CB    . LEU A 1 9  ? -2.578  9.772   1.172  1.00 35.94 ? 448 LEU A CB    1 
ATOM   60  C CG    . LEU A 1 9  ? -1.759  8.557   0.665  1.00 36.35 ? 448 LEU A CG    1 
ATOM   61  C CD1   . LEU A 1 9  ? -2.279  8.111   -0.700 1.00 34.23 ? 448 LEU A CD1   1 
ATOM   62  C CD2   . LEU A 1 9  ? -0.287  8.953   0.551  1.00 36.86 ? 448 LEU A CD2   1 
ATOM   63  N N     . HIS A 1 10 ? -3.179  12.572  2.401  1.00 37.39 ? 449 HIS A N     1 
ATOM   64  C CA    . HIS A 1 10 ? -4.213  13.596  2.559  1.00 38.29 ? 449 HIS A CA    1 
ATOM   65  C C     . HIS A 1 10 ? -4.941  13.842  1.235  1.00 38.74 ? 449 HIS A C     1 
ATOM   66  O O     . HIS A 1 10 ? -4.306  14.058  0.196  1.00 38.86 ? 449 HIS A O     1 
ATOM   67  C CB    . HIS A 1 10 ? -3.586  14.886  3.089  1.00 38.49 ? 449 HIS A CB    1 
ATOM   68  C CG    . HIS A 1 10 ? -4.542  16.037  3.164  1.00 40.91 ? 449 HIS A CG    1 
ATOM   69  N ND1   . HIS A 1 10 ? -5.314  16.293  4.276  1.00 44.72 ? 449 HIS A ND1   1 
ATOM   70  C CD2   . HIS A 1 10 ? -4.845  17.004  2.268  1.00 42.56 ? 449 HIS A CD2   1 
ATOM   71  C CE1   . HIS A 1 10 ? -6.052  17.368  4.061  1.00 44.07 ? 449 HIS A CE1   1 
ATOM   72  N NE2   . HIS A 1 10 ? -5.784  17.823  2.853  1.00 43.82 ? 449 HIS A NE2   1 
ATOM   73  N N     . VAL A 1 11 ? -6.271  13.816  1.275  1.00 39.10 ? 450 VAL A N     1 
ATOM   74  C CA    . VAL A 1 11 ? -7.083  13.991  0.074  1.00 39.74 ? 450 VAL A CA    1 
ATOM   75  C C     . VAL A 1 11 ? -8.021  15.187  0.238  1.00 40.59 ? 450 VAL A C     1 
ATOM   76  O O     . VAL A 1 11 ? -8.645  15.328  1.282  1.00 40.34 ? 450 VAL A O     1 
ATOM   77  C CB    . VAL A 1 11 ? -7.923  12.716  -0.213 1.00 39.49 ? 450 VAL A CB    1 
ATOM   78  C CG1   . VAL A 1 11 ? -8.484  12.745  -1.617 1.00 39.23 ? 450 VAL A CG1   1 
ATOM   79  C CG2   . VAL A 1 11 ? -7.061  11.470  -0.039 1.00 39.73 ? 450 VAL A CG2   1 
ATOM   80  N N     . THR A 1 12 ? -8.079  16.042  -0.781 1.00 41.25 ? 451 THR A N     1 
ATOM   81  C CA    . THR A 1 12 ? -9.077  17.113  -0.906 1.00 42.72 ? 451 THR A CA    1 
ATOM   82  C C     . THR A 1 12 ? -9.983  16.760  -2.083 1.00 42.99 ? 451 THR A C     1 
ATOM   83  O O     . THR A 1 12 ? -9.508  16.304  -3.123 1.00 42.53 ? 451 THR A O     1 
ATOM   84  C CB    . THR A 1 12 ? -8.422  18.492  -1.172 1.00 42.70 ? 451 THR A CB    1 
ATOM   85  O OG1   . THR A 1 12 ? -7.396  18.734  -0.204 1.00 45.34 ? 451 THR A OG1   1 
ATOM   86  C CG2   . THR A 1 12 ? -9.457  19.628  -1.069 1.00 45.63 ? 451 THR A CG2   1 
ATOM   87  N N     . PHE A 1 13 ? -11.283 16.970  -1.920 1.00 43.45 ? 452 PHE A N     1 
ATOM   88  C CA    . PHE A 1 13 ? -12.264 16.551  -2.908 1.00 45.04 ? 452 PHE A CA    1 
ATOM   89  C C     . PHE A 1 13 ? -13.515 17.416  -2.824 1.00 46.38 ? 452 PHE A C     1 
ATOM   90  O O     . PHE A 1 13 ? -13.661 18.168  -1.873 1.00 47.43 ? 452 PHE A O     1 
ATOM   91  C CB    . PHE A 1 13 ? -12.642 15.095  -2.668 1.00 43.92 ? 452 PHE A CB    1 
ATOM   92  C CG    . PHE A 1 13 ? -12.789 14.735  -1.213 1.00 44.34 ? 452 PHE A CG    1 
ATOM   93  C CD1   . PHE A 1 13 ? -11.738 14.137  -0.527 1.00 42.18 ? 452 PHE A CD1   1 
ATOM   94  C CD2   . PHE A 1 13 ? -13.982 14.980  -0.531 1.00 44.10 ? 452 PHE A CD2   1 
ATOM   95  C CE1   . PHE A 1 13 ? -11.864 13.799  0.803  1.00 43.55 ? 452 PHE A CE1   1 
ATOM   96  C CE2   . PHE A 1 13 ? -14.118 14.644  0.805  1.00 43.84 ? 452 PHE A CE2   1 
ATOM   97  C CZ    . PHE A 1 13 ? -13.057 14.053  1.476  1.00 43.83 ? 452 PHE A CZ    1 
ATOM   98  N N     . PRO A 1 14 ? -14.432 17.304  -3.806 1.00 47.76 ? 453 PRO A N     1 
ATOM   99  C CA    . PRO A 1 14 ? -15.697 18.053  -3.694 1.00 48.38 ? 453 PRO A CA    1 
ATOM   100 C C     . PRO A 1 14 ? -16.600 17.566  -2.547 1.00 49.24 ? 453 PRO A C     1 
ATOM   101 O O     . PRO A 1 14 ? -16.593 16.377  -2.190 1.00 48.50 ? 453 PRO A O     1 
ATOM   102 C CB    . PRO A 1 14 ? -16.387 17.792  -5.045 1.00 48.62 ? 453 PRO A CB    1 
ATOM   103 C CG    . PRO A 1 14 ? -15.297 17.282  -5.971 1.00 47.92 ? 453 PRO A CG    1 
ATOM   104 C CD    . PRO A 1 14 ? -14.368 16.526  -5.058 1.00 47.82 ? 453 PRO A CD    1 
ATOM   105 N N     . LYS A 1 15 ? -17.410 18.476  -2.006 1.00 49.92 ? 454 LYS A N     1 
ATOM   106 C CA    . LYS A 1 15 ? -18.306 18.144  -0.895 1.00 51.24 ? 454 LYS A CA    1 
ATOM   107 C C     . LYS A 1 15 ? -19.289 17.011  -1.218 1.00 51.10 ? 454 LYS A C     1 
ATOM   108 O O     . LYS A 1 15 ? -19.765 16.324  -0.313 1.00 51.05 ? 454 LYS A O     1 
ATOM   109 C CB    . LYS A 1 15 ? -19.047 19.398  -0.397 1.00 51.41 ? 454 LYS A CB    1 
ATOM   110 C CG    . LYS A 1 15 ? -19.887 20.111  -1.448 1.00 52.55 ? 454 LYS A CG    1 
ATOM   111 C CD    . LYS A 1 15 ? -20.689 21.264  -0.835 1.00 53.66 ? 454 LYS A CD    1 
ATOM   112 C CE    . LYS A 1 15 ? -21.645 21.859  -1.868 1.00 57.07 ? 454 LYS A CE    1 
ATOM   113 N NZ    . LYS A 1 15 ? -21.921 23.299  -1.582 1.00 58.59 ? 454 LYS A NZ    1 
ATOM   114 N N     . GLU A 1 16 ? -19.564 16.821  -2.510 1.00 51.32 ? 455 GLU A N     1 
ATOM   115 C CA    . GLU A 1 16 ? -20.510 15.825  -3.005 1.00 51.77 ? 455 GLU A CA    1 
ATOM   116 C C     . GLU A 1 16 ? -20.010 14.374  -2.897 1.00 51.84 ? 455 GLU A C     1 
ATOM   117 O O     . GLU A 1 16 ? -20.797 13.421  -2.993 1.00 52.24 ? 455 GLU A O     1 
ATOM   118 C CB    . GLU A 1 16 ? -20.861 16.136  -4.470 1.00 52.40 ? 455 GLU A CB    1 
ATOM   119 C CG    . GLU A 1 16 ? -21.742 17.375  -4.694 1.00 54.74 ? 455 GLU A CG    1 
ATOM   120 C CD    . GLU A 1 16 ? -20.987 18.696  -4.604 1.00 58.31 ? 455 GLU A CD    1 
ATOM   121 O OE1   . GLU A 1 16 ? -19.756 18.716  -4.847 1.00 58.22 ? 455 GLU A OE1   1 
ATOM   122 O OE2   . GLU A 1 16 ? -21.640 19.726  -4.303 1.00 60.02 ? 455 GLU A OE2   1 
ATOM   123 N N     . TRP A 1 17 ? -18.704 14.202  -2.719 1.00 51.43 ? 456 TRP A N     1 
ATOM   124 C CA    . TRP A 1 17 ? -18.108 12.867  -2.589 1.00 50.81 ? 456 TRP A CA    1 
ATOM   125 C C     . TRP A 1 17 ? -18.568 12.144  -1.333 1.00 51.14 ? 456 TRP A C     1 
ATOM   126 O O     . TRP A 1 17 ? -18.796 12.778  -0.292 1.00 51.59 ? 456 TRP A O     1 
ATOM   127 C CB    . TRP A 1 17 ? -16.582 12.976  -2.581 1.00 50.17 ? 456 TRP A CB    1 
ATOM   128 C CG    . TRP A 1 17 ? -15.948 13.077  -3.948 1.00 49.91 ? 456 TRP A CG    1 
ATOM   129 C CD1   . TRP A 1 17 ? -16.498 13.613  -5.083 1.00 49.74 ? 456 TRP A CD1   1 
ATOM   130 C CD2   . TRP A 1 17 ? -14.629 12.636  -4.315 1.00 49.67 ? 456 TRP A CD2   1 
ATOM   131 N NE1   . TRP A 1 17 ? -15.607 13.522  -6.131 1.00 49.81 ? 456 TRP A NE1   1 
ATOM   132 C CE2   . TRP A 1 17 ? -14.449 12.941  -5.685 1.00 49.53 ? 456 TRP A CE2   1 
ATOM   133 C CE3   . TRP A 1 17 ? -13.582 12.015  -3.617 1.00 49.48 ? 456 TRP A CE3   1 
ATOM   134 C CZ2   . TRP A 1 17 ? -13.265 12.642  -6.370 1.00 50.13 ? 456 TRP A CZ2   1 
ATOM   135 C CZ3   . TRP A 1 17 ? -12.398 11.722  -4.300 1.00 49.59 ? 456 TRP A CZ3   1 
ATOM   136 C CH2   . TRP A 1 17 ? -12.253 12.031  -5.658 1.00 49.68 ? 456 TRP A CH2   1 
ATOM   137 N N     . LYS A 1 18 ? -18.703 10.823  -1.447 1.00 50.65 ? 457 LYS A N     1 
ATOM   138 C CA    . LYS A 1 18 ? -19.031 9.940   -0.333 1.00 50.53 ? 457 LYS A CA    1 
ATOM   139 C C     . LYS A 1 18 ? -17.895 8.941   -0.092 1.00 50.06 ? 457 LYS A C     1 
ATOM   140 O O     . LYS A 1 18 ? -16.879 8.950   -0.792 1.00 48.98 ? 457 LYS A O     1 
ATOM   141 C CB    . LYS A 1 18 ? -20.319 9.155   -0.620 1.00 51.45 ? 457 LYS A CB    1 
ATOM   142 C CG    . LYS A 1 18 ? -21.579 9.992   -0.953 1.00 52.80 ? 457 LYS A CG    1 
ATOM   143 C CD    . LYS A 1 18 ? -22.072 10.802  0.256  1.00 54.51 ? 457 LYS A CD    1 
ATOM   144 C CE    . LYS A 1 18 ? -23.429 11.467  -0.013 1.00 55.30 ? 457 LYS A CE    1 
ATOM   145 N NZ    . LYS A 1 18 ? -23.330 12.535  -1.061 1.00 57.41 ? 457 LYS A NZ    1 
ATOM   146 N N     . THR A 1 19 ? -18.081 8.087   0.911  1.00 49.50 ? 458 THR A N     1 
ATOM   147 C CA    . THR A 1 19 ? -17.148 7.008   1.231  1.00 49.32 ? 458 THR A CA    1 
ATOM   148 C C     . THR A 1 19 ? -16.769 6.203   -0.021 1.00 48.28 ? 458 THR A C     1 
ATOM   149 O O     . THR A 1 19 ? -15.596 5.922   -0.249 1.00 47.86 ? 458 THR A O     1 
ATOM   150 C CB    . THR A 1 19 ? -17.752 6.046   2.281  1.00 49.51 ? 458 THR A CB    1 
ATOM   151 O OG1   . THR A 1 19 ? -18.267 6.809   3.377  1.00 52.52 ? 458 THR A OG1   1 
ATOM   152 C CG2   . THR A 1 19 ? -16.702 5.087   2.812  1.00 49.99 ? 458 THR A CG2   1 
ATOM   153 N N     . SER A 1 20 ? -17.773 5.855   -0.819 1.00 47.15 ? 459 SER A N     1 
ATOM   154 C CA    . SER A 1 20 ? -17.594 4.990   -1.983 1.00 46.78 ? 459 SER A CA    1 
ATOM   155 C C     . SER A 1 20 ? -16.648 5.588   -3.008 1.00 45.40 ? 459 SER A C     1 
ATOM   156 O O     . SER A 1 20 ? -15.894 4.852   -3.613 1.00 45.37 ? 459 SER A O     1 
ATOM   157 C CB    . SER A 1 20 ? -18.931 4.681   -2.649 1.00 46.46 ? 459 SER A CB    1 
ATOM   158 O OG    . SER A 1 20 ? -19.629 5.892   -2.877 1.00 49.55 ? 459 SER A OG    1 
ATOM   159 N N     . ASP A 1 21 ? -16.697 6.911   -3.198 1.00 44.28 ? 460 ASP A N     1 
ATOM   160 C CA    . ASP A 1 21 ? -15.792 7.602   -4.115 1.00 43.16 ? 460 ASP A CA    1 
ATOM   161 C C     . ASP A 1 21 ? -14.339 7.445   -3.687 1.00 42.23 ? 460 ASP A C     1 
ATOM   162 O O     . ASP A 1 21 ? -13.457 7.215   -4.515 1.00 41.13 ? 460 ASP A O     1 
ATOM   163 C CB    . ASP A 1 21 ? -16.141 9.079   -4.224 1.00 43.43 ? 460 ASP A CB    1 
ATOM   164 C CG    . ASP A 1 21 ? -17.515 9.295   -4.800 1.00 46.00 ? 460 ASP A CG    1 
ATOM   165 O OD1   . ASP A 1 21 ? -17.705 8.994   -5.998 1.00 46.51 ? 460 ASP A OD1   1 
ATOM   166 O OD2   . ASP A 1 21 ? -18.403 9.736   -4.047 1.00 45.38 ? 460 ASP A OD2   1 
ATOM   167 N N     . LEU A 1 22 ? -14.089 7.564   -2.390 1.00 40.70 ? 461 LEU A N     1 
ATOM   168 C CA    . LEU A 1 22 ? -12.716 7.433   -1.894 1.00 39.75 ? 461 LEU A CA    1 
ATOM   169 C C     . LEU A 1 22 ? -12.247 5.978   -1.992 1.00 39.64 ? 461 LEU A C     1 
ATOM   170 O O     . LEU A 1 22 ? -11.103 5.731   -2.374 1.00 38.55 ? 461 LEU A O     1 
ATOM   171 C CB    . LEU A 1 22 ? -12.592 7.966   -0.468 1.00 39.01 ? 461 LEU A CB    1 
ATOM   172 C CG    . LEU A 1 22 ? -12.610 9.487   -0.283 1.00 39.83 ? 461 LEU A CG    1 
ATOM   173 C CD1   . LEU A 1 22 ? -12.661 9.813   1.222  1.00 37.41 ? 461 LEU A CD1   1 
ATOM   174 C CD2   . LEU A 1 22 ? -11.373 10.144  -0.911 1.00 37.98 ? 461 LEU A CD2   1 
ATOM   175 N N     . TYR A 1 23 ? -13.129 5.031   -1.667 1.00 39.66 ? 462 TYR A N     1 
ATOM   176 C CA    . TYR A 1 23 ? -12.850 3.598   -1.874 1.00 40.93 ? 462 TYR A CA    1 
ATOM   177 C C     . TYR A 1 23 ? -12.526 3.274   -3.348 1.00 40.23 ? 462 TYR A C     1 
ATOM   178 O O     . TYR A 1 23 ? -11.578 2.528   -3.628 1.00 40.42 ? 462 TYR A O     1 
ATOM   179 C CB    . TYR A 1 23 ? -14.028 2.726   -1.394 1.00 42.62 ? 462 TYR A CB    1 
ATOM   180 C CG    . TYR A 1 23 ? -14.137 2.562   0.122  1.00 45.34 ? 462 TYR A CG    1 
ATOM   181 C CD1   . TYR A 1 23 ? -13.057 2.832   0.947  1.00 47.63 ? 462 TYR A CD1   1 
ATOM   182 C CD2   . TYR A 1 23 ? -15.313 2.099   0.719  1.00 49.06 ? 462 TYR A CD2   1 
ATOM   183 C CE1   . TYR A 1 23 ? -13.130 2.677   2.329  1.00 49.49 ? 462 TYR A CE1   1 
ATOM   184 C CE2   . TYR A 1 23 ? -15.398 1.938   2.130  1.00 49.81 ? 462 TYR A CE2   1 
ATOM   185 C CZ    . TYR A 1 23 ? -14.293 2.231   2.913  1.00 48.78 ? 462 TYR A CZ    1 
ATOM   186 O OH    . TYR A 1 23 ? -14.311 2.086   4.288  1.00 49.36 ? 462 TYR A OH    1 
ATOM   187 N N     . GLN A 1 24 ? -13.301 3.839   -4.281 1.00 38.95 ? 463 GLN A N     1 
ATOM   188 C CA    . GLN A 1 24 ? -13.057 3.659   -5.722 1.00 38.76 ? 463 GLN A CA    1 
ATOM   189 C C     . GLN A 1 24 ? -11.717 4.259   -6.147 1.00 38.09 ? 463 GLN A C     1 
ATOM   190 O O     . GLN A 1 24 ? -10.913 3.608   -6.854 1.00 37.89 ? 463 GLN A O     1 
ATOM   191 C CB    . GLN A 1 24 ? -14.174 4.301   -6.550 1.00 38.63 ? 463 GLN A CB    1 
ATOM   192 C CG    . GLN A 1 24 ? -15.537 3.615   -6.467 1.00 39.42 ? 463 GLN A CG    1 
ATOM   193 C CD    . GLN A 1 24 ? -16.576 4.381   -7.274 1.00 40.76 ? 463 GLN A CD    1 
ATOM   194 O OE1   . GLN A 1 24 ? -16.399 4.613   -8.472 1.00 41.50 ? 463 GLN A OE1   1 
ATOM   195 N NE2   . GLN A 1 24 ? -17.643 4.820   -6.609 1.00 42.77 ? 463 GLN A NE2   1 
ATOM   196 N N     . LEU A 1 25 ? -11.481 5.503   -5.728 1.00 37.52 ? 464 LEU A N     1 
ATOM   197 C CA    . LEU A 1 25 ? -10.246 6.221   -6.035 1.00 37.07 ? 464 LEU A CA    1 
ATOM   198 C C     . LEU A 1 25 ? -9.015  5.432   -5.609 1.00 37.00 ? 464 LEU A C     1 
ATOM   199 O O     . LEU A 1 25 ? -8.019  5.372   -6.345 1.00 36.58 ? 464 LEU A O     1 
ATOM   200 C CB    . LEU A 1 25 ? -10.254 7.595   -5.359 1.00 37.08 ? 464 LEU A CB    1 
ATOM   201 C CG    . LEU A 1 25 ? -9.108  8.558   -5.655 1.00 38.15 ? 464 LEU A CG    1 
ATOM   202 C CD1   . LEU A 1 25 ? -9.041  8.935   -7.146 1.00 38.08 ? 464 LEU A CD1   1 
ATOM   203 C CD2   . LEU A 1 25 ? -9.264  9.802   -4.819 1.00 37.26 ? 464 LEU A CD2   1 
ATOM   204 N N     . PHE A 1 26 ? -9.084  4.825   -4.423 1.00 36.51 ? 465 PHE A N     1 
ATOM   205 C CA    . PHE A 1 26 ? -7.953  4.056   -3.871 1.00 36.49 ? 465 PHE A CA    1 
ATOM   206 C C     . PHE A 1 26 ? -8.048  2.535   -4.021 1.00 37.09 ? 465 PHE A C     1 
ATOM   207 O O     . PHE A 1 26 ? -7.390  1.775   -3.295 1.00 36.14 ? 465 PHE A O     1 
ATOM   208 C CB    . PHE A 1 26 ? -7.730  4.442   -2.406 1.00 36.03 ? 465 PHE A CB    1 
ATOM   209 C CG    . PHE A 1 26 ? -7.256  5.859   -2.243 1.00 35.97 ? 465 PHE A CG    1 
ATOM   210 C CD1   . PHE A 1 26 ? -8.152  6.882   -1.922 1.00 34.74 ? 465 PHE A CD1   1 
ATOM   211 C CD2   . PHE A 1 26 ? -5.933  6.185   -2.490 1.00 36.24 ? 465 PHE A CD2   1 
ATOM   212 C CE1   . PHE A 1 26 ? -7.729  8.206   -1.804 1.00 34.05 ? 465 PHE A CE1   1 
ATOM   213 C CE2   . PHE A 1 26 ? -5.489  7.520   -2.370 1.00 35.73 ? 465 PHE A CE2   1 
ATOM   214 C CZ    . PHE A 1 26 ? -6.407  8.533   -2.032 1.00 34.54 ? 465 PHE A CZ    1 
ATOM   215 N N     . SER A 1 27 ? -8.849  2.084   -4.982 1.00 37.57 ? 466 SER A N     1 
ATOM   216 C CA    . SER A 1 27 ? -9.061  0.650   -5.147 1.00 38.26 ? 466 SER A CA    1 
ATOM   217 C C     . SER A 1 27 ? -7.831  -0.146  -5.576 1.00 38.66 ? 466 SER A C     1 
ATOM   218 O O     . SER A 1 27 ? -7.822  -1.358  -5.431 1.00 38.35 ? 466 SER A O     1 
ATOM   219 C CB    . SER A 1 27 ? -10.232 0.383   -6.083 1.00 38.86 ? 466 SER A CB    1 
ATOM   220 O OG    . SER A 1 27 ? -10.105 1.206   -7.219 1.00 41.48 ? 466 SER A OG    1 
ATOM   221 N N     . ALA A 1 28 ? -6.785  0.529   -6.051 1.00 39.89 ? 467 ALA A N     1 
ATOM   222 C CA    . ALA A 1 28 ? -5.519  -0.146  -6.331 1.00 41.04 ? 467 ALA A CA    1 
ATOM   223 C C     . ALA A 1 28 ? -4.799  -0.605  -5.056 1.00 41.80 ? 467 ALA A C     1 
ATOM   224 O O     . ALA A 1 28 ? -3.901  -1.444  -5.134 1.00 42.27 ? 467 ALA A O     1 
ATOM   225 C CB    . ALA A 1 28 ? -4.615  0.753   -7.159 1.00 41.62 ? 467 ALA A CB    1 
ATOM   226 N N     . PHE A 1 29 ? -5.215  -0.088  -3.891 1.00 41.50 ? 468 PHE A N     1 
ATOM   227 C CA    . PHE A 1 29 ? -4.536  -0.371  -2.607 1.00 41.33 ? 468 PHE A CA    1 
ATOM   228 C C     . PHE A 1 29 ? -5.297  -1.298  -1.654 1.00 42.31 ? 468 PHE A C     1 
ATOM   229 O O     . PHE A 1 29 ? -6.451  -1.588  -1.872 1.00 43.78 ? 468 PHE A O     1 
ATOM   230 C CB    . PHE A 1 29 ? -4.225  0.945   -1.906 1.00 40.35 ? 468 PHE A CB    1 
ATOM   231 C CG    . PHE A 1 29 ? -3.418  1.877   -2.733 1.00 38.28 ? 468 PHE A CG    1 
ATOM   232 C CD1   . PHE A 1 29 ? -4.035  2.875   -3.475 1.00 37.49 ? 468 PHE A CD1   1 
ATOM   233 C CD2   . PHE A 1 29 ? -2.037  1.745   -2.799 1.00 37.33 ? 468 PHE A CD2   1 
ATOM   234 C CE1   . PHE A 1 29 ? -3.279  3.746   -4.256 1.00 38.69 ? 468 PHE A CE1   1 
ATOM   235 C CE2   . PHE A 1 29 ? -1.279  2.611   -3.570 1.00 36.28 ? 468 PHE A CE2   1 
ATOM   236 C CZ    . PHE A 1 29 ? -1.900  3.612   -4.297 1.00 37.61 ? 468 PHE A CZ    1 
ATOM   237 N N     . GLY A 1 30 ? -4.647  -1.748  -0.586 1.00 42.90 ? 469 GLY A N     1 
ATOM   238 C CA    . GLY A 1 30 ? -5.303  -2.589  0.411  1.00 44.13 ? 469 GLY A CA    1 
ATOM   239 C C     . GLY A 1 30 ? -5.569  -1.857  1.714  1.00 44.90 ? 469 GLY A C     1 
ATOM   240 O O     . GLY A 1 30 ? -5.067  -0.753  1.923  1.00 44.71 ? 469 GLY A O     1 
ATOM   241 N N     . ASN A 1 31 ? -6.384  -2.477  2.571  1.00 45.64 ? 470 ASN A N     1 
ATOM   242 C CA    . ASN A 1 31 ? -6.709  -1.966  3.909  1.00 46.28 ? 470 ASN A CA    1 
ATOM   243 C C     . ASN A 1 31 ? -6.964  -0.460  3.937  1.00 45.48 ? 470 ASN A C     1 
ATOM   244 O O     . ASN A 1 31 ? -6.276  0.263   4.671  1.00 46.38 ? 470 ASN A O     1 
ATOM   245 C CB    . ASN A 1 31 ? -5.584  -2.345  4.893  1.00 46.88 ? 470 ASN A CB    1 
ATOM   246 C CG    . ASN A 1 31 ? -5.961  -2.099  6.360  1.00 50.27 ? 470 ASN A CG    1 
ATOM   247 O OD1   . ASN A 1 31 ? -7.140  -1.918  6.697  1.00 53.07 ? 470 ASN A OD1   1 
ATOM   248 N ND2   . ASN A 1 31 ? -4.948  -2.081  7.239  1.00 52.04 ? 470 ASN A ND2   1 
ATOM   249 N N     . ILE A 1 32 ? -7.891  0.033   3.112  1.00 44.25 ? 471 ILE A N     1 
ATOM   250 C CA    . ILE A 1 32 ? -8.160  1.479   3.125  1.00 43.28 ? 471 ILE A CA    1 
ATOM   251 C C     . ILE A 1 32 ? -9.119  1.943   4.234  1.00 42.47 ? 471 ILE A C     1 
ATOM   252 O O     . ILE A 1 32 ? -10.196 1.367   4.425  1.00 42.60 ? 471 ILE A O     1 
ATOM   253 C CB    . ILE A 1 32 ? -8.432  2.167   1.715  1.00 43.88 ? 471 ILE A CB    1 
ATOM   254 C CG1   . ILE A 1 32 ? -9.664  3.063   1.765  1.00 42.95 ? 471 ILE A CG1   1 
ATOM   255 C CG2   . ILE A 1 32 ? -8.443  1.168   0.554  1.00 43.95 ? 471 ILE A CG2   1 
ATOM   256 C CD1   . ILE A 1 32 ? -9.666  4.200   0.773  1.00 45.87 ? 471 ILE A CD1   1 
ATOM   257 N N     . GLN A 1 33 ? -8.685  2.973   4.950  1.00 40.87 ? 472 GLN A N     1 
ATOM   258 C CA    . GLN A 1 33 ? -9.404  3.515   6.094  1.00 40.18 ? 472 GLN A CA    1 
ATOM   259 C C     . GLN A 1 33 ? -9.462  5.029   5.928  1.00 39.64 ? 472 GLN A C     1 
ATOM   260 O O     . GLN A 1 33 ? -8.445  5.694   5.724  1.00 39.95 ? 472 GLN A O     1 
ATOM   261 C CB    . GLN A 1 33 ? -8.758  3.073   7.417  1.00 39.99 ? 472 GLN A CB    1 
ATOM   262 C CG    . GLN A 1 33 ? -8.749  1.541   7.571  1.00 40.84 ? 472 GLN A CG    1 
ATOM   263 C CD    . GLN A 1 33 ? -8.024  1.021   8.801  1.00 40.74 ? 472 GLN A CD    1 
ATOM   264 O OE1   . GLN A 1 33 ? -6.829  0.680   8.747  1.00 43.97 ? 472 GLN A OE1   1 
ATOM   265 N NE2   . GLN A 1 33 ? -8.740  0.927   9.906  1.00 38.62 ? 472 GLN A NE2   1 
ATOM   266 N N     . ILE A 1 34 ? -10.668 5.560   5.950  1.00 39.62 ? 473 ILE A N     1 
ATOM   267 C CA    . ILE A 1 34 ? -10.873 6.998   5.785  1.00 40.52 ? 473 ILE A CA    1 
ATOM   268 C C     . ILE A 1 34 ? -10.993 7.672   7.159  1.00 41.23 ? 473 ILE A C     1 
ATOM   269 O O     . ILE A 1 34 ? -11.785 7.240   7.987  1.00 42.15 ? 473 ILE A O     1 
ATOM   270 C CB    . ILE A 1 34 ? -12.124 7.276   4.941  1.00 40.13 ? 473 ILE A CB    1 
ATOM   271 C CG1   . ILE A 1 34 ? -11.958 6.665   3.534  1.00 40.27 ? 473 ILE A CG1   1 
ATOM   272 C CG2   . ILE A 1 34 ? -12.425 8.791   4.864  1.00 39.79 ? 473 ILE A CG2   1 
ATOM   273 C CD1   . ILE A 1 34 ? -13.258 6.294   2.895  1.00 42.88 ? 473 ILE A CD1   1 
ATOM   274 N N     . SER A 1 35 ? -10.186 8.704   7.401  1.00 41.32 ? 474 SER A N     1 
ATOM   275 C CA    . SER A 1 35 ? -10.333 9.525   8.606  1.00 41.50 ? 474 SER A CA    1 
ATOM   276 C C     . SER A 1 35 ? -10.818 10.922  8.176  1.00 41.35 ? 474 SER A C     1 
ATOM   277 O O     . SER A 1 35 ? -10.029 11.739  7.760  1.00 41.06 ? 474 SER A O     1 
ATOM   278 C CB    . SER A 1 35 ? -9.009  9.596   9.351  1.00 40.83 ? 474 SER A CB    1 
ATOM   279 O OG    . SER A 1 35 ? -8.615  8.317   9.837  1.00 41.23 ? 474 SER A OG    1 
ATOM   280 N N     . TRP A 1 36 ? -12.123 11.158  8.199  1.00 42.20 ? 475 TRP A N     1 
ATOM   281 C CA    . TRP A 1 36 ? -12.664 12.441  7.709  1.00 43.42 ? 475 TRP A CA    1 
ATOM   282 C C     . TRP A 1 36 ? -12.163 13.607  8.534  1.00 44.25 ? 475 TRP A C     1 
ATOM   283 O O     . TRP A 1 36 ? -12.092 13.506  9.759  1.00 44.18 ? 475 TRP A O     1 
ATOM   284 C CB    . TRP A 1 36 ? -14.176 12.430  7.731  1.00 43.54 ? 475 TRP A CB    1 
ATOM   285 C CG    . TRP A 1 36 ? -14.775 11.334  6.921  1.00 44.54 ? 475 TRP A CG    1 
ATOM   286 C CD1   . TRP A 1 36 ? -15.145 10.100  7.361  1.00 44.18 ? 475 TRP A CD1   1 
ATOM   287 C CD2   . TRP A 1 36 ? -15.096 11.379  5.527  1.00 44.63 ? 475 TRP A CD2   1 
ATOM   288 N NE1   . TRP A 1 36 ? -15.684 9.375   6.337  1.00 43.20 ? 475 TRP A NE1   1 
ATOM   289 C CE2   . TRP A 1 36 ? -15.662 10.130  5.195  1.00 44.87 ? 475 TRP A CE2   1 
ATOM   290 C CE3   . TRP A 1 36 ? -14.952 12.350  4.525  1.00 44.88 ? 475 TRP A CE3   1 
ATOM   291 C CZ2   . TRP A 1 36 ? -16.077 9.811   3.894  1.00 43.67 ? 475 TRP A CZ2   1 
ATOM   292 C CZ3   . TRP A 1 36 ? -15.380 12.041  3.236  1.00 44.45 ? 475 TRP A CZ3   1 
ATOM   293 C CH2   . TRP A 1 36 ? -15.931 10.779  2.935  1.00 44.09 ? 475 TRP A CH2   1 
ATOM   294 N N     . ILE A 1 37 ? -11.769 14.679  7.845  1.00 45.44 ? 476 ILE A N     1 
ATOM   295 C CA    . ILE A 1 37 ? -11.338 15.929  8.452  1.00 46.95 ? 476 ILE A CA    1 
ATOM   296 C C     . ILE A 1 37 ? -12.504 16.939  8.435  1.00 48.58 ? 476 ILE A C     1 
ATOM   297 O O     . ILE A 1 37 ? -12.891 17.480  9.481  1.00 49.39 ? 476 ILE A O     1 
ATOM   298 C CB    . ILE A 1 37 ? -10.087 16.513  7.736  1.00 46.42 ? 476 ILE A CB    1 
ATOM   299 C CG1   . ILE A 1 37 ? -8.854  15.634  8.002  1.00 46.55 ? 476 ILE A CG1   1 
ATOM   300 C CG2   . ILE A 1 37 ? -9.845  17.968  8.147  1.00 46.80 ? 476 ILE A CG2   1 
ATOM   301 C CD1   . ILE A 1 37 ? -7.712  15.856  7.047  1.00 45.62 ? 476 ILE A CD1   1 
ATOM   302 N N     . ASP A 1 38 ? -13.071 17.173  7.257  1.00 49.24 ? 477 ASP A N     1 
ATOM   303 C CA    . ASP A 1 38 ? -14.232 18.048  7.101  1.00 50.22 ? 477 ASP A CA    1 
ATOM   304 C C     . ASP A 1 38 ? -14.970 17.674  5.819  1.00 50.51 ? 477 ASP A C     1 
ATOM   305 O O     . ASP A 1 38 ? -14.828 16.542  5.336  1.00 50.34 ? 477 ASP A O     1 
ATOM   306 C CB    . ASP A 1 38 ? -13.830 19.535  7.138  1.00 50.30 ? 477 ASP A CB    1 
ATOM   307 C CG    . ASP A 1 38 ? -12.802 19.901  6.075  1.00 51.75 ? 477 ASP A CG    1 
ATOM   308 O OD1   . ASP A 1 38 ? -12.809 19.293  4.989  1.00 55.04 ? 477 ASP A OD1   1 
ATOM   309 O OD2   . ASP A 1 38 ? -11.972 20.796  6.321  1.00 52.92 ? 477 ASP A OD2   1 
ATOM   310 N N     . ASP A 1 39 ? -15.751 18.606  5.270  1.00 50.11 ? 478 ASP A N     1 
ATOM   311 C CA    . ASP A 1 39 ? -16.638 18.295  4.141  1.00 50.25 ? 478 ASP A CA    1 
ATOM   312 C C     . ASP A 1 39 ? -15.866 17.939  2.876  1.00 48.81 ? 478 ASP A C     1 
ATOM   313 O O     . ASP A 1 39 ? -16.345 17.180  2.033  1.00 48.75 ? 478 ASP A O     1 
ATOM   314 C CB    . ASP A 1 39 ? -17.581 19.479  3.830  1.00 50.82 ? 478 ASP A CB    1 
ATOM   315 C CG    . ASP A 1 39 ? -18.880 19.428  4.630  1.00 54.15 ? 478 ASP A CG    1 
ATOM   316 O OD1   . ASP A 1 39 ? -19.000 18.566  5.541  1.00 55.01 ? 478 ASP A OD1   1 
ATOM   317 O OD2   . ASP A 1 39 ? -19.791 20.258  4.333  1.00 57.05 ? 478 ASP A OD2   1 
ATOM   318 N N     . THR A 1 40 ? -14.682 18.519  2.745  1.00 47.99 ? 479 THR A N     1 
ATOM   319 C CA    . THR A 1 40 ? -13.936 18.446  1.508  1.00 46.90 ? 479 THR A CA    1 
ATOM   320 C C     . THR A 1 40 ? -12.526 17.902  1.713  1.00 45.26 ? 479 THR A C     1 
ATOM   321 O O     . THR A 1 40 ? -11.663 18.163  0.893  1.00 44.89 ? 479 THR A O     1 
ATOM   322 C CB    . THR A 1 40 ? -13.809 19.829  0.860  1.00 46.68 ? 479 THR A CB    1 
ATOM   323 O OG1   . THR A 1 40 ? -13.107 20.694  1.756  1.00 47.55 ? 479 THR A OG1   1 
ATOM   324 C CG2   . THR A 1 40 ? -15.187 20.432  0.504  1.00 48.16 ? 479 THR A CG2   1 
ATOM   325 N N     . SER A 1 41 ? -12.287 17.164  2.798  1.00 44.41 ? 480 SER A N     1 
ATOM   326 C CA    . SER A 1 41 ? -10.964 16.559  3.035  1.00 42.85 ? 480 SER A CA    1 
ATOM   327 C C     . SER A 1 41 ? -10.970 15.414  4.061  1.00 42.30 ? 480 SER A C     1 
ATOM   328 O O     . SER A 1 41 ? -11.860 15.326  4.919  1.00 41.46 ? 480 SER A O     1 
ATOM   329 C CB    . SER A 1 41 ? -9.897  17.613  3.352  1.00 42.98 ? 480 SER A CB    1 
ATOM   330 O OG    . SER A 1 41 ? -10.007 18.130  4.675  1.00 45.67 ? 480 SER A OG    1 
ATOM   331 N N     . ALA A 1 42 ? -9.978  14.527  3.935  1.00 40.25 ? 481 ALA A N     1 
ATOM   332 C CA    . ALA A 1 42 ? -9.874  13.321  4.754  1.00 39.00 ? 481 ALA A CA    1 
ATOM   333 C C     . ALA A 1 42 ? -8.434  12.854  4.718  1.00 38.53 ? 481 ALA A C     1 
ATOM   334 O O     . ALA A 1 42 ? -7.719  13.163  3.761  1.00 37.64 ? 481 ALA A O     1 
ATOM   335 C CB    . ALA A 1 42 ? -10.785 12.226  4.214  1.00 38.77 ? 481 ALA A CB    1 
ATOM   336 N N     . PHE A 1 43 ? -7.990  12.147  5.764  1.00 37.57 ? 482 PHE A N     1 
ATOM   337 C CA    . PHE A 1 43 ? -6.783  11.349  5.632  1.00 37.13 ? 482 PHE A CA    1 
ATOM   338 C C     . PHE A 1 43 ? -7.240  9.984   5.159  1.00 36.24 ? 482 PHE A C     1 
ATOM   339 O O     . PHE A 1 43 ? -8.327  9.543   5.500  1.00 35.88 ? 482 PHE A O     1 
ATOM   340 C CB    . PHE A 1 43 ? -6.000  11.189  6.950  1.00 37.09 ? 482 PHE A CB    1 
ATOM   341 C CG    . PHE A 1 43 ? -5.463  12.468  7.491  1.00 37.87 ? 482 PHE A CG    1 
ATOM   342 C CD1   . PHE A 1 43 ? -6.006  13.021  8.658  1.00 37.53 ? 482 PHE A CD1   1 
ATOM   343 C CD2   . PHE A 1 43 ? -4.442  13.151  6.829  1.00 36.52 ? 482 PHE A CD2   1 
ATOM   344 C CE1   . PHE A 1 43 ? -5.505  14.233  9.178  1.00 37.75 ? 482 PHE A CE1   1 
ATOM   345 C CE2   . PHE A 1 43 ? -3.940  14.374  7.330  1.00 36.78 ? 482 PHE A CE2   1 
ATOM   346 C CZ    . PHE A 1 43 ? -4.477  14.913  8.508  1.00 36.91 ? 482 PHE A CZ    1 
ATOM   347 N N     . VAL A 1 44 ? -6.397  9.311   4.383  1.00 36.12 ? 483 VAL A N     1 
ATOM   348 C CA    . VAL A 1 44 ? -6.699  7.958   3.958  1.00 35.18 ? 483 VAL A CA    1 
ATOM   349 C C     . VAL A 1 44 ? -5.474  7.124   4.287  1.00 35.11 ? 483 VAL A C     1 
ATOM   350 O O     . VAL A 1 44 ? -4.363  7.468   3.903  1.00 35.31 ? 483 VAL A O     1 
ATOM   351 C CB    . VAL A 1 44 ? -7.026  7.876   2.449  1.00 36.04 ? 483 VAL A CB    1 
ATOM   352 C CG1   . VAL A 1 44 ? -7.093  6.393   1.995  1.00 33.74 ? 483 VAL A CG1   1 
ATOM   353 C CG2   . VAL A 1 44 ? -8.333  8.622   2.136  1.00 33.31 ? 483 VAL A CG2   1 
ATOM   354 N N     . SER A 1 45 ? -5.664  6.054   5.033  1.00 35.04 ? 484 SER A N     1 
ATOM   355 C CA    . SER A 1 45 ? -4.561  5.145   5.251  1.00 35.95 ? 484 SER A CA    1 
ATOM   356 C C     . SER A 1 45 ? -4.770  3.890   4.416  1.00 35.71 ? 484 SER A C     1 
ATOM   357 O O     . SER A 1 45 ? -5.895  3.474   4.183  1.00 36.35 ? 484 SER A O     1 
ATOM   358 C CB    . SER A 1 45 ? -4.390  4.812   6.732  1.00 35.45 ? 484 SER A CB    1 
ATOM   359 O OG    . SER A 1 45 ? -5.373  3.922   7.173  1.00 38.59 ? 484 SER A OG    1 
ATOM   360 N N     . LEU A 1 46 ? -3.675  3.301   3.980  1.00 36.11 ? 485 LEU A N     1 
ATOM   361 C CA    . LEU A 1 46 ? -3.728  2.196   3.044  1.00 36.71 ? 485 LEU A CA    1 
ATOM   362 C C     . LEU A 1 46 ? -2.462  1.357   3.129  1.00 36.28 ? 485 LEU A C     1 
ATOM   363 O O     . LEU A 1 46 ? -1.479  1.731   3.797  1.00 36.12 ? 485 LEU A O     1 
ATOM   364 C CB    . LEU A 1 46 ? -3.953  2.717   1.612  1.00 36.56 ? 485 LEU A CB    1 
ATOM   365 C CG    . LEU A 1 46 ? -3.028  3.810   1.088  1.00 38.51 ? 485 LEU A CG    1 
ATOM   366 C CD1   . LEU A 1 46 ? -1.719  3.226   0.550  1.00 38.59 ? 485 LEU A CD1   1 
ATOM   367 C CD2   . LEU A 1 46 ? -3.770  4.639   0.016  1.00 42.15 ? 485 LEU A CD2   1 
ATOM   368 N N     . SER A 1 47 ? -2.504  0.226   2.439  1.00 35.87 ? 486 SER A N     1 
ATOM   369 C CA    . SER A 1 47 ? -1.377  -0.691  2.352  1.00 35.65 ? 486 SER A CA    1 
ATOM   370 C C     . SER A 1 47 ? -1.043  -0.863  0.867  1.00 35.57 ? 486 SER A C     1 
ATOM   371 O O     . SER A 1 47 ? -1.936  -0.992  0.034  1.00 34.09 ? 486 SER A O     1 
ATOM   372 C CB    . SER A 1 47 ? -1.754  -2.032  2.960  1.00 35.16 ? 486 SER A CB    1 
ATOM   373 O OG    . SER A 1 47 ? -0.673  -2.950  2.800  1.00 40.37 ? 486 SER A OG    1 
ATOM   374 N N     . GLN A 1 48 ? 0.246   -0.813  0.547  1.00 35.92 ? 487 GLN A N     1 
ATOM   375 C CA    . GLN A 1 48 ? 0.710   -0.912  -0.809 1.00 36.83 ? 487 GLN A CA    1 
ATOM   376 C C     . GLN A 1 48 ? 1.600   -2.156  -0.848 1.00 36.21 ? 487 GLN A C     1 
ATOM   377 O O     . GLN A 1 48 ? 2.563   -2.239  -0.092 1.00 35.69 ? 487 GLN A O     1 
ATOM   378 C CB    . GLN A 1 48 ? 1.533   0.339   -1.131 1.00 37.14 ? 487 GLN A CB    1 
ATOM   379 C CG    . GLN A 1 48 ? 2.390   0.241   -2.376 1.00 40.38 ? 487 GLN A CG    1 
ATOM   380 C CD    . GLN A 1 48 ? 2.952   1.581   -2.788 1.00 45.54 ? 487 GLN A CD    1 
ATOM   381 O OE1   . GLN A 1 48 ? 4.109   1.903   -2.500 1.00 48.71 ? 487 GLN A OE1   1 
ATOM   382 N NE2   . GLN A 1 48 ? 2.129   2.386   -3.435 1.00 45.46 ? 487 GLN A NE2   1 
ATOM   383 N N     . PRO A 1 49 ? 1.281   -3.131  -1.716 1.00 36.16 ? 488 PRO A N     1 
ATOM   384 C CA    . PRO A 1 49 ? 2.199   -4.286  -1.864 1.00 35.46 ? 488 PRO A CA    1 
ATOM   385 C C     . PRO A 1 49 ? 3.605   -3.851  -2.324 1.00 35.41 ? 488 PRO A C     1 
ATOM   386 O O     . PRO A 1 49 ? 3.734   -2.954  -3.176 1.00 35.26 ? 488 PRO A O     1 
ATOM   387 C CB    . PRO A 1 49 ? 1.509   -5.137  -2.938 1.00 35.21 ? 488 PRO A CB    1 
ATOM   388 C CG    . PRO A 1 49 ? 0.024   -4.757  -2.808 1.00 36.52 ? 488 PRO A CG    1 
ATOM   389 C CD    . PRO A 1 49 ? 0.107   -3.258  -2.596 1.00 35.88 ? 488 PRO A CD    1 
ATOM   390 N N     . GLU A 1 50 ? 4.638   -4.443  -1.729 1.00 35.04 ? 489 GLU A N     1 
ATOM   391 C CA    . GLU A 1 50 ? 6.027   -4.159  -2.107 1.00 36.12 ? 489 GLU A CA    1 
ATOM   392 C C     . GLU A 1 50 ? 6.527   -5.312  -2.949 1.00 35.63 ? 489 GLU A C     1 
ATOM   393 O O     . GLU A 1 50 ? 7.008   -6.308  -2.415 1.00 34.44 ? 489 GLU A O     1 
ATOM   394 C CB    . GLU A 1 50 ? 6.912   -3.973  -0.859 1.00 36.92 ? 489 GLU A CB    1 
ATOM   395 C CG    . GLU A 1 50 ? 6.622   -2.677  -0.068 1.00 39.04 ? 489 GLU A CG    1 
ATOM   396 C CD    . GLU A 1 50 ? 6.769   -1.406  -0.920 1.00 43.01 ? 489 GLU A CD    1 
ATOM   397 O OE1   . GLU A 1 50 ? 7.653   -1.369  -1.808 1.00 45.62 ? 489 GLU A OE1   1 
ATOM   398 O OE2   . GLU A 1 50 ? 5.992   -0.439  -0.715 1.00 42.17 ? 489 GLU A OE2   1 
ATOM   399 N N     . GLN A 1 51 ? 6.378   -5.175  -4.262 1.00 35.92 ? 490 GLN A N     1 
ATOM   400 C CA    . GLN A 1 51 ? 6.507   -6.314  -5.171 1.00 37.18 ? 490 GLN A CA    1 
ATOM   401 C C     . GLN A 1 51 ? 7.905   -6.905  -5.153 1.00 36.33 ? 490 GLN A C     1 
ATOM   402 O O     . GLN A 1 51 ? 8.037   -8.104  -5.219 1.00 36.06 ? 490 GLN A O     1 
ATOM   403 C CB    . GLN A 1 51 ? 6.083   -5.967  -6.605 1.00 37.53 ? 490 GLN A CB    1 
ATOM   404 C CG    . GLN A 1 51 ? 4.590   -5.595  -6.790 1.00 42.61 ? 490 GLN A CG    1 
ATOM   405 C CD    . GLN A 1 51 ? 3.602   -6.780  -6.683 1.00 49.05 ? 490 GLN A CD    1 
ATOM   406 O OE1   . GLN A 1 51 ? 3.975   -7.976  -6.793 1.00 50.98 ? 490 GLN A OE1   1 
ATOM   407 N NE2   . GLN A 1 51 ? 2.317   -6.442  -6.485 1.00 51.22 ? 490 GLN A NE2   1 
ATOM   408 N N     . VAL A 1 52 ? 8.926   -6.058  -5.052 1.00 36.75 ? 491 VAL A N     1 
ATOM   409 C CA    . VAL A 1 52 ? 10.317  -6.527  -4.942 1.00 37.16 ? 491 VAL A CA    1 
ATOM   410 C C     . VAL A 1 52 ? 10.532  -7.369  -3.671 1.00 36.89 ? 491 VAL A C     1 
ATOM   411 O O     . VAL A 1 52 ? 11.072  -8.473  -3.736 1.00 37.90 ? 491 VAL A O     1 
ATOM   412 C CB    . VAL A 1 52 ? 11.365  -5.362  -5.025 1.00 37.24 ? 491 VAL A CB    1 
ATOM   413 C CG1   . VAL A 1 52 ? 12.728  -5.866  -4.635 1.00 37.75 ? 491 VAL A CG1   1 
ATOM   414 C CG2   . VAL A 1 52 ? 11.427  -4.751  -6.441 1.00 36.08 ? 491 VAL A CG2   1 
ATOM   415 N N     . LYS A 1 53 ? 10.082  -6.862  -2.528 1.00 36.66 ? 492 LYS A N     1 
ATOM   416 C CA    . LYS A 1 53 ? 10.206  -7.580  -1.263 1.00 36.81 ? 492 LYS A CA    1 
ATOM   417 C C     . LYS A 1 53 ? 9.417   -8.893  -1.316 1.00 35.48 ? 492 LYS A C     1 
ATOM   418 O O     . LYS A 1 53 ? 9.863   -9.916  -0.780 1.00 34.61 ? 492 LYS A O     1 
ATOM   419 C CB    . LYS A 1 53 ? 9.733   -6.713  -0.080 1.00 36.72 ? 492 LYS A CB    1 
ATOM   420 C CG    . LYS A 1 53 ? 10.685  -5.567  0.284  1.00 40.33 ? 492 LYS A CG    1 
ATOM   421 C CD    . LYS A 1 53 ? 9.968   -4.492  1.126  1.00 39.83 ? 492 LYS A CD    1 
ATOM   422 C CE    . LYS A 1 53 ? 10.840  -3.244  1.310  1.00 47.71 ? 492 LYS A CE    1 
ATOM   423 N NZ    . LYS A 1 53 ? 10.421  -2.440  2.520  1.00 51.41 ? 492 LYS A NZ    1 
ATOM   424 N N     . ILE A 1 54 ? 8.260   -8.869  -1.973 1.00 34.24 ? 493 ILE A N     1 
ATOM   425 C CA    . ILE A 1 54 ? 7.450   -10.098 -2.091 1.00 34.37 ? 493 ILE A CA    1 
ATOM   426 C C     . ILE A 1 54 ? 8.169   -11.133 -2.953 1.00 34.02 ? 493 ILE A C     1 
ATOM   427 O O     . ILE A 1 54 ? 8.240   -12.305 -2.569 1.00 33.83 ? 493 ILE A O     1 
ATOM   428 C CB    . ILE A 1 54 ? 6.019   -9.822  -2.635 1.00 34.19 ? 493 ILE A CB    1 
ATOM   429 C CG1   . ILE A 1 54 ? 5.206   -8.977  -1.623 1.00 35.37 ? 493 ILE A CG1   1 
ATOM   430 C CG2   . ILE A 1 54 ? 5.297   -11.150 -3.030 1.00 33.86 ? 493 ILE A CG2   1 
ATOM   431 C CD1   . ILE A 1 54 ? 3.880   -8.405  -2.205 1.00 34.20 ? 493 ILE A CD1   1 
ATOM   432 N N     . ALA A 1 55 ? 8.711   -10.703 -4.103 1.00 34.02 ? 494 ALA A N     1 
ATOM   433 C CA    . ALA A 1 55 ? 9.466   -11.616 -4.979 1.00 34.91 ? 494 ALA A CA    1 
ATOM   434 C C     . ALA A 1 55 ? 10.651  -12.242 -4.251 1.00 35.43 ? 494 ALA A C     1 
ATOM   435 O O     . ALA A 1 55 ? 10.879  -13.461 -4.356 1.00 36.58 ? 494 ALA A O     1 
ATOM   436 C CB    . ALA A 1 55 ? 9.921   -10.912 -6.265 1.00 34.82 ? 494 ALA A CB    1 
ATOM   437 N N     . VAL A 1 56 ? 11.394  -11.421 -3.512 1.00 36.14 ? 495 VAL A N     1 
ATOM   438 C CA    . VAL A 1 56 ? 12.486  -11.921 -2.669 1.00 36.61 ? 495 VAL A CA    1 
ATOM   439 C C     . VAL A 1 56 ? 11.972  -12.944 -1.634 1.00 37.06 ? 495 VAL A C     1 
ATOM   440 O O     . VAL A 1 56 ? 12.487  -14.067 -1.539 1.00 36.31 ? 495 VAL A O     1 
ATOM   441 C CB    . VAL A 1 56 ? 13.224  -10.780 -1.951 1.00 36.70 ? 495 VAL A CB    1 
ATOM   442 C CG1   . VAL A 1 56 ? 14.124  -11.328 -0.838 1.00 36.85 ? 495 VAL A CG1   1 
ATOM   443 C CG2   . VAL A 1 56 ? 14.025  -9.935  -2.959 1.00 36.60 ? 495 VAL A CG2   1 
ATOM   444 N N     . ASN A 1 57 ? 10.961  -12.553 -0.861 1.00 37.14 ? 496 ASN A N     1 
ATOM   445 C CA    . ASN A 1 57 ? 10.418  -13.436 0.163  1.00 37.24 ? 496 ASN A CA    1 
ATOM   446 C C     . ASN A 1 57 ? 9.942   -14.768 -0.424 1.00 37.67 ? 496 ASN A C     1 
ATOM   447 O O     . ASN A 1 57 ? 10.326  -15.843 0.059  1.00 38.15 ? 496 ASN A O     1 
ATOM   448 C CB    . ASN A 1 57 ? 9.304   -12.726 0.934  1.00 37.50 ? 496 ASN A CB    1 
ATOM   449 C CG    . ASN A 1 57 ? 8.826   -13.529 2.143  1.00 37.69 ? 496 ASN A CG    1 
ATOM   450 O OD1   . ASN A 1 57 ? 7.744   -14.123 2.121  1.00 39.38 ? 496 ASN A OD1   1 
ATOM   451 N ND2   . ASN A 1 57 ? 9.630   -13.550 3.191  1.00 31.24 ? 496 ASN A ND2   1 
ATOM   452 N N     . THR A 1 58 ? 9.151   -14.701 -1.489 1.00 36.66 ? 497 THR A N     1 
ATOM   453 C CA    . THR A 1 58 ? 8.585   -15.901 -2.109 1.00 37.29 ? 497 THR A CA    1 
ATOM   454 C C     . THR A 1 58 ? 9.662   -16.874 -2.605 1.00 37.39 ? 497 THR A C     1 
ATOM   455 O O     . THR A 1 58 ? 9.463   -18.084 -2.550 1.00 38.01 ? 497 THR A O     1 
ATOM   456 C CB    . THR A 1 58 ? 7.551   -15.528 -3.212 1.00 37.33 ? 497 THR A CB    1 
ATOM   457 O OG1   . THR A 1 58 ? 6.435   -14.867 -2.595 1.00 37.88 ? 497 THR A OG1   1 
ATOM   458 C CG2   . THR A 1 58 ? 7.057   -16.762 -4.028 1.00 37.26 ? 497 THR A CG2   1 
ATOM   459 N N     . SER A 1 59 ? 10.812  -16.347 -3.031 1.00 37.55 ? 498 SER A N     1 
ATOM   460 C CA    . SER A 1 59 ? 11.938  -17.183 -3.462 1.00 37.21 ? 498 SER A CA    1 
ATOM   461 C C     . SER A 1 59 ? 12.459  -18.163 -2.389 1.00 38.52 ? 498 SER A C     1 
ATOM   462 O O     . SER A 1 59 ? 13.040  -19.215 -2.721 1.00 38.32 ? 498 SER A O     1 
ATOM   463 C CB    . SER A 1 59 ? 13.083  -16.321 -4.032 1.00 36.75 ? 498 SER A CB    1 
ATOM   464 O OG    . SER A 1 59 ? 13.844  -15.675 -3.024 1.00 33.57 ? 498 SER A OG    1 
ATOM   465 N N     . LYS A 1 60 ? 12.255  -17.828 -1.117 1.00 39.73 ? 499 LYS A N     1 
ATOM   466 C CA    . LYS A 1 60 ? 12.683  -18.703 -0.010 1.00 41.78 ? 499 LYS A CA    1 
ATOM   467 C C     . LYS A 1 60 ? 11.907  -20.018 0.018  1.00 42.49 ? 499 LYS A C     1 
ATOM   468 O O     . LYS A 1 60 ? 12.354  -20.998 0.623  1.00 42.29 ? 499 LYS A O     1 
ATOM   469 C CB    . LYS A 1 60 ? 12.565  -17.988 1.349  1.00 42.44 ? 499 LYS A CB    1 
ATOM   470 C CG    . LYS A 1 60 ? 11.116  -17.873 1.901  1.00 43.37 ? 499 LYS A CG    1 
ATOM   471 C CD    . LYS A 1 60 ? 11.076  -17.219 3.289  1.00 43.16 ? 499 LYS A CD    1 
ATOM   472 C CE    . LYS A 1 60 ? 9.646   -16.835 3.677  1.00 44.41 ? 499 LYS A CE    1 
ATOM   473 N NZ    . LYS A 1 60 ? 9.574   -16.048 4.950  1.00 41.46 ? 499 LYS A NZ    1 
ATOM   474 N N     . TYR A 1 61 ? 10.742  -20.044 -0.632 1.00 42.62 ? 500 TYR A N     1 
ATOM   475 C CA    . TYR A 1 61 ? 9.901   -21.244 -0.621 1.00 43.02 ? 500 TYR A CA    1 
ATOM   476 C C     . TYR A 1 61 ? 10.318  -22.205 -1.714 1.00 44.33 ? 500 TYR A C     1 
ATOM   477 O O     . TYR A 1 61 ? 9.787   -23.323 -1.804 1.00 45.28 ? 500 TYR A O     1 
ATOM   478 C CB    . TYR A 1 61 ? 8.426   -20.874 -0.776 1.00 42.04 ? 500 TYR A CB    1 
ATOM   479 C CG    . TYR A 1 61 ? 7.855   -20.149 0.416  1.00 41.30 ? 500 TYR A CG    1 
ATOM   480 C CD1   . TYR A 1 61 ? 7.841   -20.747 1.684  1.00 41.51 ? 500 TYR A CD1   1 
ATOM   481 C CD2   . TYR A 1 61 ? 7.307   -18.878 0.280  1.00 40.75 ? 500 TYR A CD2   1 
ATOM   482 C CE1   . TYR A 1 61 ? 7.306   -20.091 2.786  1.00 41.91 ? 500 TYR A CE1   1 
ATOM   483 C CE2   . TYR A 1 61 ? 6.770   -18.204 1.378  1.00 41.21 ? 500 TYR A CE2   1 
ATOM   484 C CZ    . TYR A 1 61 ? 6.771   -18.825 2.624  1.00 41.78 ? 500 TYR A CZ    1 
ATOM   485 O OH    . TYR A 1 61 ? 6.243   -18.188 3.715  1.00 42.26 ? 500 TYR A OH    1 
ATOM   486 N N     . ALA A 1 62 ? 11.261  -21.763 -2.550 1.00 44.71 ? 501 ALA A N     1 
ATOM   487 C CA    . ALA A 1 62 ? 11.775  -22.567 -3.656 1.00 45.54 ? 501 ALA A CA    1 
ATOM   488 C C     . ALA A 1 62 ? 13.257  -22.896 -3.453 1.00 46.13 ? 501 ALA A C     1 
ATOM   489 O O     . ALA A 1 62 ? 14.090  -22.000 -3.311 1.00 45.86 ? 501 ALA A O     1 
ATOM   490 C CB    . ALA A 1 62 ? 11.587  -21.843 -4.941 1.00 44.93 ? 501 ALA A CB    1 
ATOM   491 N N     . GLU A 1 63 ? 13.584  -24.185 -3.433 1.00 46.86 ? 502 GLU A N     1 
ATOM   492 C CA    . GLU A 1 63 ? 14.982  -24.606 -3.280 1.00 47.83 ? 502 GLU A CA    1 
ATOM   493 C C     . GLU A 1 63 ? 15.818  -24.282 -4.504 1.00 46.83 ? 502 GLU A C     1 
ATOM   494 O O     . GLU A 1 63 ? 17.007  -23.984 -4.398 1.00 47.35 ? 502 GLU A O     1 
ATOM   495 C CB    . GLU A 1 63 ? 15.072  -26.115 -3.003 1.00 48.58 ? 502 GLU A CB    1 
ATOM   496 C CG    . GLU A 1 63 ? 14.706  -26.496 -1.575 1.00 54.54 ? 502 GLU A CG    1 
ATOM   497 C CD    . GLU A 1 63 ? 15.383  -25.609 -0.534 1.00 60.98 ? 502 GLU A CD    1 
ATOM   498 O OE1   . GLU A 1 63 ? 16.636  -25.491 -0.563 1.00 63.98 ? 502 GLU A OE1   1 
ATOM   499 O OE2   . GLU A 1 63 ? 14.656  -25.029 0.311  1.00 63.65 ? 502 GLU A OE2   1 
ATOM   500 N N     . SER A 1 64 ? 15.198  -24.392 -5.671 1.00 46.06 ? 503 SER A N     1 
ATOM   501 C CA    . SER A 1 64 ? 15.889  -24.220 -6.929 1.00 45.77 ? 503 SER A CA    1 
ATOM   502 C C     . SER A 1 64 ? 16.380  -22.791 -7.225 1.00 44.89 ? 503 SER A C     1 
ATOM   503 O O     . SER A 1 64 ? 17.348  -22.613 -7.965 1.00 44.85 ? 503 SER A O     1 
ATOM   504 C CB    . SER A 1 64 ? 14.997  -24.722 -8.059 1.00 46.47 ? 503 SER A CB    1 
ATOM   505 O OG    . SER A 1 64 ? 13.857  -23.892 -8.219 1.00 48.83 ? 503 SER A OG    1 
ATOM   506 N N     . TYR A 1 65 ? 15.717  -21.769 -6.683 1.00 43.16 ? 504 TYR A N     1 
ATOM   507 C CA    . TYR A 1 65 ? 16.097  -20.386 -7.020 1.00 41.87 ? 504 TYR A CA    1 
ATOM   508 C C     . TYR A 1 65 ? 15.998  -19.476 -5.797 1.00 41.68 ? 504 TYR A C     1 
ATOM   509 O O     . TYR A 1 65 ? 15.227  -19.768 -4.874 1.00 41.21 ? 504 TYR A O     1 
ATOM   510 C CB    . TYR A 1 65 ? 15.282  -19.853 -8.216 1.00 40.99 ? 504 TYR A CB    1 
ATOM   511 C CG    . TYR A 1 65 ? 13.898  -19.343 -7.838 1.00 40.45 ? 504 TYR A CG    1 
ATOM   512 C CD1   . TYR A 1 65 ? 12.808  -20.210 -7.753 1.00 38.76 ? 504 TYR A CD1   1 
ATOM   513 C CD2   . TYR A 1 65 ? 13.691  -17.995 -7.539 1.00 40.23 ? 504 TYR A CD2   1 
ATOM   514 C CE1   . TYR A 1 65 ? 11.530  -19.735 -7.394 1.00 37.84 ? 504 TYR A CE1   1 
ATOM   515 C CE2   . TYR A 1 65 ? 12.428  -17.515 -7.189 1.00 39.39 ? 504 TYR A CE2   1 
ATOM   516 C CZ    . TYR A 1 65 ? 11.355  -18.389 -7.114 1.00 38.75 ? 504 TYR A CZ    1 
ATOM   517 O OH    . TYR A 1 65 ? 10.130  -17.890 -6.733 1.00 37.70 ? 504 TYR A OH    1 
ATOM   518 N N     . ARG A 1 66 ? 16.795  -18.402 -5.789 1.00 41.48 ? 505 ARG A N     1 
ATOM   519 C CA    . ARG A 1 66 ? 16.780  -17.402 -4.719 1.00 42.10 ? 505 ARG A CA    1 
ATOM   520 C C     . ARG A 1 66 ? 16.954  -15.982 -5.263 1.00 41.28 ? 505 ARG A C     1 
ATOM   521 O O     . ARG A 1 66 ? 17.880  -15.715 -6.014 1.00 40.15 ? 505 ARG A O     1 
ATOM   522 C CB    . ARG A 1 66 ? 17.874  -17.687 -3.683 1.00 42.28 ? 505 ARG A CB    1 
ATOM   523 C CG    . ARG A 1 66 ? 17.836  -16.760 -2.463 1.00 44.82 ? 505 ARG A CG    1 
ATOM   524 C CD    . ARG A 1 66 ? 18.763  -17.257 -1.327 1.00 46.37 ? 505 ARG A CD    1 
ATOM   525 N NE    . ARG A 1 66 ? 18.488  -16.551 -0.072 1.00 55.42 ? 505 ARG A NE    1 
ATOM   526 C CZ    . ARG A 1 66 ? 19.263  -15.607 0.465  1.00 58.55 ? 505 ARG A CZ    1 
ATOM   527 N NH1   . ARG A 1 66 ? 20.398  -15.238 -0.128 1.00 61.21 ? 505 ARG A NH1   1 
ATOM   528 N NH2   . ARG A 1 66 ? 18.904  -15.030 1.608  1.00 58.78 ? 505 ARG A NH2   1 
ATOM   529 N N     . ILE A 1 67 ? 16.055  -15.076 -4.883 1.00 40.35 ? 506 ILE A N     1 
ATOM   530 C CA    . ILE A 1 67 ? 16.181  -13.671 -5.269 1.00 39.59 ? 506 ILE A CA    1 
ATOM   531 C C     . ILE A 1 67 ? 16.621  -12.916 -4.034 1.00 40.35 ? 506 ILE A C     1 
ATOM   532 O O     . ILE A 1 67 ? 16.087  -13.140 -2.951 1.00 40.94 ? 506 ILE A O     1 
ATOM   533 C CB    . ILE A 1 67 ? 14.850  -13.089 -5.823 1.00 39.71 ? 506 ILE A CB    1 
ATOM   534 C CG1   . ILE A 1 67 ? 14.373  -13.890 -7.047 1.00 38.40 ? 506 ILE A CG1   1 
ATOM   535 C CG2   . ILE A 1 67 ? 14.988  -11.595 -6.175 1.00 39.00 ? 506 ILE A CG2   1 
ATOM   536 C CD1   . ILE A 1 67 ? 12.880  -13.611 -7.461 1.00 37.86 ? 506 ILE A CD1   1 
ATOM   537 N N     . GLN A 1 68 ? 17.616  -12.046 -4.178 1.00 40.20 ? 507 GLN A N     1 
ATOM   538 C CA    . GLN A 1 68 ? 18.001  -11.171 -3.086 1.00 41.17 ? 507 GLN A CA    1 
ATOM   539 C C     . GLN A 1 68 ? 18.298  -9.757  -3.585 1.00 40.99 ? 507 GLN A C     1 
ATOM   540 O O     . GLN A 1 68 ? 18.599  -9.553  -4.774 1.00 40.39 ? 507 GLN A O     1 
ATOM   541 C CB    . GLN A 1 68 ? 19.183  -11.760 -2.298 1.00 42.15 ? 507 GLN A CB    1 
ATOM   542 C CG    . GLN A 1 68 ? 20.553  -11.651 -2.949 1.00 42.67 ? 507 GLN A CG    1 
ATOM   543 C CD    . GLN A 1 68 ? 21.593  -12.568 -2.281 1.00 43.58 ? 507 GLN A CD    1 
ATOM   544 O OE1   . GLN A 1 68 ? 21.609  -12.728 -1.060 1.00 46.86 ? 507 GLN A OE1   1 
ATOM   545 N NE2   . GLN A 1 68 ? 22.470  -13.160 -3.092 1.00 45.67 ? 507 GLN A NE2   1 
ATOM   546 N N     . THR A 1 69 ? 18.193  -8.779  -2.692 1.00 40.67 ? 508 THR A N     1 
ATOM   547 C CA    . THR A 1 69 ? 18.509  -7.408  -3.073 1.00 41.27 ? 508 THR A CA    1 
ATOM   548 C C     . THR A 1 69 ? 20.028  -7.277  -3.224 1.00 41.42 ? 508 THR A C     1 
ATOM   549 O O     . THR A 1 69 ? 20.792  -8.116  -2.724 1.00 40.57 ? 508 THR A O     1 
ATOM   550 C CB    . THR A 1 69 ? 17.967  -6.362  -2.067 1.00 41.15 ? 508 THR A CB    1 
ATOM   551 O OG1   . THR A 1 69 ? 18.584  -6.549  -0.794 1.00 41.67 ? 508 THR A OG1   1 
ATOM   552 C CG2   . THR A 1 69 ? 16.411  -6.440  -1.919 1.00 42.02 ? 508 THR A CG2   1 
ATOM   553 N N     . TYR A 1 70 ? 20.456  -6.239  -3.932 1.00 42.51 ? 509 TYR A N     1 
ATOM   554 C CA    . TYR A 1 70 ? 21.890  -5.983  -4.107 1.00 43.43 ? 509 TYR A CA    1 
ATOM   555 C C     . TYR A 1 70 ? 22.605  -5.830  -2.759 1.00 44.63 ? 509 TYR A C     1 
ATOM   556 O O     . TYR A 1 70 ? 23.694  -6.378  -2.578 1.00 44.83 ? 509 TYR A O     1 
ATOM   557 C CB    . TYR A 1 70 ? 22.149  -4.778  -5.032 1.00 42.43 ? 509 TYR A CB    1 
ATOM   558 C CG    . TYR A 1 70 ? 23.602  -4.693  -5.448 1.00 42.61 ? 509 TYR A CG    1 
ATOM   559 C CD1   . TYR A 1 70 ? 24.073  -5.384  -6.572 1.00 42.80 ? 509 TYR A CD1   1 
ATOM   560 C CD2   . TYR A 1 70 ? 24.522  -3.968  -4.690 1.00 41.98 ? 509 TYR A CD2   1 
ATOM   561 C CE1   . TYR A 1 70 ? 25.428  -5.321  -6.950 1.00 40.84 ? 509 TYR A CE1   1 
ATOM   562 C CE2   . TYR A 1 70 ? 25.875  -3.888  -5.072 1.00 42.58 ? 509 TYR A CE2   1 
ATOM   563 C CZ    . TYR A 1 70 ? 26.310  -4.585  -6.188 1.00 40.53 ? 509 TYR A CZ    1 
ATOM   564 O OH    . TYR A 1 70 ? 27.628  -4.505  -6.547 1.00 40.26 ? 509 TYR A OH    1 
ATOM   565 N N     . ALA A 1 71 ? 21.970  -5.130  -1.814 1.00 46.67 ? 510 ALA A N     1 
ATOM   566 C CA    . ALA A 1 71 ? 22.475  -5.003  -0.435 1.00 48.44 ? 510 ALA A CA    1 
ATOM   567 C C     . ALA A 1 71 ? 22.693  -6.350  0.262  1.00 50.17 ? 510 ALA A C     1 
ATOM   568 O O     . ALA A 1 71 ? 23.760  -6.560  0.860  1.00 51.01 ? 510 ALA A O     1 
ATOM   569 C CB    . ALA A 1 71 ? 21.576  -4.101  0.402  1.00 48.09 ? 510 ALA A CB    1 
ATOM   570 N N     . GLU A 1 72 ? 21.717  -7.264  0.177  1.00 51.61 ? 511 GLU A N     1 
ATOM   571 C CA    . GLU A 1 72 ? 21.876  -8.602  0.775  1.00 53.50 ? 511 GLU A CA    1 
ATOM   572 C C     . GLU A 1 72 ? 22.982  -9.387  0.072  1.00 53.82 ? 511 GLU A C     1 
ATOM   573 O O     . GLU A 1 72 ? 23.706  -10.144 0.713  1.00 54.08 ? 511 GLU A O     1 
ATOM   574 C CB    . GLU A 1 72 ? 20.597  -9.452  0.723  1.00 53.25 ? 511 GLU A CB    1 
ATOM   575 C CG    . GLU A 1 72 ? 19.258  -8.749  0.908  1.00 55.63 ? 511 GLU A CG    1 
ATOM   576 C CD    . GLU A 1 72 ? 18.068  -9.655  0.523  1.00 55.58 ? 511 GLU A CD    1 
ATOM   577 O OE1   . GLU A 1 72 ? 18.126  -10.881 0.799  1.00 59.14 ? 511 GLU A OE1   1 
ATOM   578 O OE2   . GLU A 1 72 ? 17.081  -9.144  -0.052 1.00 56.80 ? 511 GLU A OE2   1 
ATOM   579 N N     . TYR A 1 73 ? 23.082  -9.232  -1.247 1.00 54.56 ? 512 TYR A N     1 
ATOM   580 C CA    . TYR A 1 73 ? 24.126  -9.890  -2.041 1.00 55.37 ? 512 TYR A CA    1 
ATOM   581 C C     . TYR A 1 73 ? 25.528  -9.478  -1.579 1.00 56.58 ? 512 TYR A C     1 
ATOM   582 O O     . TYR A 1 73 ? 26.446  -10.305 -1.531 1.00 56.20 ? 512 TYR A O     1 
ATOM   583 C CB    . TYR A 1 73 ? 23.933  -9.573  -3.526 1.00 54.92 ? 512 TYR A CB    1 
ATOM   584 C CG    . TYR A 1 73 ? 25.162  -9.783  -4.384 1.00 53.88 ? 512 TYR A CG    1 
ATOM   585 C CD1   . TYR A 1 73 ? 25.601  -11.067 -4.706 1.00 53.22 ? 512 TYR A CD1   1 
ATOM   586 C CD2   . TYR A 1 73 ? 25.878  -8.691  -4.885 1.00 53.28 ? 512 TYR A CD2   1 
ATOM   587 C CE1   . TYR A 1 73 ? 26.724  -11.262 -5.491 1.00 53.62 ? 512 TYR A CE1   1 
ATOM   588 C CE2   . TYR A 1 73 ? 27.002  -8.874  -5.672 1.00 53.55 ? 512 TYR A CE2   1 
ATOM   589 C CZ    . TYR A 1 73 ? 27.414  -10.159 -5.969 1.00 54.02 ? 512 TYR A CZ    1 
ATOM   590 O OH    . TYR A 1 73 ? 28.520  -10.352 -6.747 1.00 55.34 ? 512 TYR A OH    1 
ATOM   591 N N     . MET A 1 74 ? 25.669  -8.194  -1.248 1.00 58.12 ? 513 MET A N     1 
ATOM   592 C CA    . MET A 1 74 ? 26.896  -7.642  -0.680 1.00 59.95 ? 513 MET A CA    1 
ATOM   593 C C     . MET A 1 74 ? 27.139  -8.168  0.736  1.00 60.75 ? 513 MET A C     1 
ATOM   594 O O     . MET A 1 74 ? 28.181  -8.766  1.005  1.00 61.18 ? 513 MET A O     1 
ATOM   595 C CB    . MET A 1 74 ? 26.845  -6.106  -0.681 1.00 60.23 ? 513 MET A CB    1 
ATOM   596 C CG    . MET A 1 74 ? 26.928  -5.497  -2.067 1.00 61.39 ? 513 MET A CG    1 
ATOM   597 S SD    . MET A 1 74 ? 28.366  -6.128  -2.966 1.00 65.77 ? 513 MET A SD    1 
ATOM   598 C CE    . MET A 1 74 ? 29.619  -4.982  -2.360 1.00 65.84 ? 513 MET A CE    1 
ATOM   599 N N     . GLY A 1 75 ? 26.165  -7.957  1.623  1.00 61.61 ? 514 GLY A N     1 
ATOM   600 C CA    . GLY A 1 75 ? 26.266  -8.373  3.028  1.00 62.40 ? 514 GLY A CA    1 
ATOM   601 C C     . GLY A 1 75 ? 26.068  -9.862  3.245  1.00 63.05 ? 514 GLY A C     1 
ATOM   602 O O     . GLY A 1 75 ? 26.557  -10.694 2.469  1.00 63.85 ? 514 GLY A O     1 
HETATM 603 P PA    . MGP B 2 .  ? -19.119 11.498  10.551 1.00 74.64 ? 1   MGP A PA    1 
HETATM 604 O O1A   . MGP B 2 .  ? -20.200 11.443  9.530  1.00 74.73 ? 1   MGP A O1A   1 
HETATM 605 O O2A   . MGP B 2 .  ? -19.441 11.946  11.939 1.00 74.29 ? 1   MGP A O2A   1 
HETATM 606 O O3A   . MGP B 2 .  ? -18.419 10.049  10.592 1.00 73.85 ? 1   MGP A O3A   1 
HETATM 607 O "O5'" . MGP B 2 .  ? -17.904 12.402  9.954  1.00 70.57 ? 1   MGP A "O5'" 1 
HETATM 608 P PB    . MGP B 2 .  ? -17.021 9.821   11.355 0.30 74.33 ? 1   MGP A PB    1 
HETATM 609 O O1B   . MGP B 2 .  ? -17.148 10.330  12.741 0.30 74.26 ? 1   MGP A O1B   1 
HETATM 610 O O2B   . MGP B 2 .  ? -15.920 10.307  10.497 0.30 74.09 ? 1   MGP A O2B   1 
HETATM 611 O O3B   . MGP B 2 .  ? -16.975 8.217   11.411 0.30 73.82 ? 1   MGP A O3B   1 
HETATM 612 P PC    . MGP B 2 .  ? -16.838 7.316   10.077 0.30 73.72 ? 1   MGP A PC    1 
HETATM 613 O O1C   . MGP B 2 .  ? -15.589 7.538   9.303  0.30 73.76 ? 1   MGP A O1C   1 
HETATM 614 O O2C   . MGP B 2 .  ? -18.162 7.538   9.174  0.30 73.03 ? 1   MGP A O2C   1 
HETATM 615 O O3C   . MGP B 2 .  ? -16.939 5.794   10.631 0.30 73.40 ? 1   MGP A O3C   1 
HETATM 616 C "C5'" . MGP B 2 .  ? -17.586 13.704  10.461 1.00 65.78 ? 1   MGP A "C5'" 1 
HETATM 617 C "C4'" . MGP B 2 .  ? -17.353 14.730  9.341  1.00 62.36 ? 1   MGP A "C4'" 1 
HETATM 618 O "O4'" . MGP B 2 .  ? -16.633 14.155  8.203  1.00 60.05 ? 1   MGP A "O4'" 1 
HETATM 619 C "C3'" . MGP B 2 .  ? -18.692 15.215  8.779  1.00 61.39 ? 1   MGP A "C3'" 1 
HETATM 620 O "O3'" . MGP B 2 .  ? -19.153 16.331  9.565  1.00 63.57 ? 1   MGP A "O3'" 1 
HETATM 621 C "C2'" . MGP B 2 .  ? -18.301 15.672  7.371  1.00 58.89 ? 1   MGP A "C2'" 1 
HETATM 622 O "O2'" . MGP B 2 .  ? -17.725 16.984  7.418  1.00 57.59 ? 1   MGP A "O2'" 1 
HETATM 623 C "C1'" . MGP B 2 .  ? -17.214 14.654  6.973  1.00 55.01 ? 1   MGP A "C1'" 1 
HETATM 624 N N9    . MGP B 2 .  ? -17.821 13.504  6.255  1.00 53.47 ? 1   MGP A N9    1 
HETATM 625 C C8    . MGP B 2 .  ? -18.183 12.334  6.786  1.00 52.88 ? 1   MGP A C8    1 
HETATM 626 N N7    . MGP B 2 .  ? -18.698 11.579  5.822  1.00 52.97 ? 1   MGP A N7    1 
HETATM 627 C CM7   . MGP B 2 .  ? -19.201 10.203  6.061  1.00 53.38 ? 1   MGP A CM7   1 
HETATM 628 C C5    . MGP B 2 .  ? -18.672 12.237  4.658  1.00 52.80 ? 1   MGP A C5    1 
HETATM 629 C C6    . MGP B 2 .  ? -19.046 11.960  3.336  1.00 52.80 ? 1   MGP A C6    1 
HETATM 630 O O6    . MGP B 2 .  ? -19.539 10.880  3.001  1.00 53.07 ? 1   MGP A O6    1 
HETATM 631 N N1    . MGP B 2 .  ? -18.849 12.946  2.368  1.00 52.29 ? 1   MGP A N1    1 
HETATM 632 C C2    . MGP B 2 .  ? -18.275 14.170  2.740  1.00 52.90 ? 1   MGP A C2    1 
HETATM 633 N N2    . MGP B 2 .  ? -18.064 15.130  1.845  1.00 53.22 ? 1   MGP A N2    1 
HETATM 634 N N3    . MGP B 2 .  ? -17.933 14.404  4.008  1.00 52.33 ? 1   MGP A N3    1 
HETATM 635 C C4    . MGP B 2 .  ? -18.104 13.476  4.956  1.00 52.64 ? 1   MGP A C4    1 
HETATM 636 O O     . HOH C 3 .  ? 9.708   -15.200 -6.346 1.00 31.52 ? 541 HOH A O     1 
HETATM 637 O O     . HOH C 3 .  ? -6.274  3.282   -6.670 1.00 37.36 ? 542 HOH A O     1 
HETATM 638 O O     . HOH C 3 .  ? 2.289   9.964   3.215  1.00 45.28 ? 543 HOH A O     1 
HETATM 639 O O     . HOH C 3 .  ? 19.998  -3.094  -2.333 1.00 40.97 ? 544 HOH A O     1 
HETATM 640 O O     . HOH C 3 .  ? 11.182  -25.947 -3.232 1.00 41.92 ? 545 HOH A O     1 
HETATM 641 O O     . HOH C 3 .  ? 5.879   -9.610  -6.282 1.00 38.20 ? 546 HOH A O     1 
HETATM 642 O O     . HOH C 3 .  ? 6.129   -13.664 -0.210 1.00 42.11 ? 547 HOH A O     1 
HETATM 643 O O     . HOH C 3 .  ? -7.604  19.176  5.423  1.00 41.51 ? 548 HOH A O     1 
HETATM 644 O O     . HOH C 3 .  ? 5.557   -2.589  -5.301 1.00 40.72 ? 549 HOH A O     1 
HETATM 645 O O     . HOH C 3 .  ? 4.611   -14.235 -4.324 1.00 39.06 ? 550 HOH A O     1 
HETATM 646 O O     . HOH C 3 .  ? 2.338   -1.677  -5.109 1.00 42.70 ? 551 HOH A O     1 
HETATM 647 O O     . HOH C 3 .  ? 9.230   -3.258  -2.901 1.00 41.78 ? 552 HOH A O     1 
HETATM 648 O O     . HOH C 3 .  ? -2.123  1.326   6.457  1.00 45.72 ? 553 HOH A O     1 
HETATM 649 O O     . HOH C 3 .  ? 11.640  -9.637  1.421  1.00 42.02 ? 554 HOH A O     1 
HETATM 650 O O     . HOH C 3 .  ? -7.413  6.850   7.908  1.00 40.54 ? 555 HOH A O     1 
HETATM 651 O O     . HOH C 3 .  ? 29.527  -3.592  -5.102 1.00 51.78 ? 556 HOH A O     1 
HETATM 652 O O     . HOH C 3 .  ? -10.182 5.642   10.409 0.50 40.69 ? 557 HOH A O     1 
HETATM 653 O O     . HOH C 3 .  ? -4.676  16.963  -0.547 1.00 41.86 ? 558 HOH A O     1 
HETATM 654 O O     . HOH C 3 .  ? 13.819  -7.710  0.419  1.00 43.28 ? 559 HOH A O     1 
HETATM 655 O O     . HOH C 3 .  ? -13.095 3.733   6.310  1.00 43.91 ? 560 HOH A O     1 
HETATM 656 O O     . HOH C 3 .  ? -20.883 5.451   0.280  1.00 50.10 ? 561 HOH A O     1 
HETATM 657 O O     . HOH C 3 .  ? -9.623  -2.078  1.364  1.00 49.57 ? 562 HOH A O     1 
HETATM 658 O O     . HOH C 3 .  ? -17.015 21.248  -3.042 1.00 51.75 ? 563 HOH A O     1 
HETATM 659 O O     . HOH C 3 .  ? -4.912  1.355   6.668  1.00 52.88 ? 564 HOH A O     1 
HETATM 660 O O     . HOH C 3 .  ? 16.721  -14.196 -0.507 1.00 46.94 ? 565 HOH A O     1 
HETATM 661 O O     . HOH C 3 .  ? 15.925  -20.059 -1.922 1.00 43.87 ? 566 HOH A O     1 
HETATM 662 O O     . HOH C 3 .  ? -0.552  -4.791  0.934  1.00 45.44 ? 567 HOH A O     1 
HETATM 663 O O     . HOH C 3 .  ? 11.853  -2.466  -2.106 1.00 49.24 ? 568 HOH A O     1 
HETATM 664 O O     . HOH C 3 .  ? -9.499  -3.299  -6.257 1.00 45.16 ? 569 HOH A O     1 
HETATM 665 O O     . HOH C 3 .  ? 22.038  -0.964  -1.866 1.00 59.82 ? 570 HOH A O     1 
HETATM 666 O O     . HOH C 3 .  ? 19.797  -12.361 1.789  1.00 64.20 ? 571 HOH A O     1 
HETATM 667 O O     . HOH C 3 .  ? 3.527   8.064   1.257  1.00 47.86 ? 572 HOH A O     1 
HETATM 668 O O     . HOH C 3 .  ? 12.356  -11.975 2.729  1.00 49.19 ? 573 HOH A O     1 
HETATM 669 O O     . HOH C 3 .  ? -12.923 20.584  -2.504 1.00 55.22 ? 574 HOH A O     1 
HETATM 670 O O     . HOH C 3 .  ? -16.678 21.524  6.313  1.00 64.08 ? 575 HOH A O     1 
HETATM 671 O O     . HOH C 3 .  ? -2.709  -3.359  -4.194 1.00 55.55 ? 576 HOH A O     1 
HETATM 672 O O     . HOH C 3 .  ? 8.401   -19.933 -6.716 0.50 27.15 ? 577 HOH A O     1 
HETATM 673 O O     . HOH C 3 .  ? -16.126 14.673  -9.038 1.00 49.15 ? 578 HOH A O     1 
HETATM 674 O O     . HOH C 3 .  ? -21.584 13.968  11.056 1.00 69.54 ? 579 HOH A O     1 
HETATM 675 O O     . HOH C 3 .  ? 1.179   -3.564  -6.773 1.00 62.26 ? 580 HOH A O     1 
HETATM 676 O O     . HOH C 3 .  ? 17.950  -4.694  1.109  1.00 64.83 ? 581 HOH A O     1 
HETATM 677 O O     . HOH C 3 .  ? 19.549  -25.420 -4.849 1.00 65.18 ? 582 HOH A O     1 
HETATM 678 O O     . HOH C 3 .  ? -20.722 7.651   2.883  1.00 63.58 ? 583 HOH A O     1 
HETATM 679 O O     . HOH C 3 .  ? -19.333 6.280   -7.584 1.00 72.75 ? 584 HOH A O     1 
HETATM 680 O O     . HOH C 3 .  ? -24.629 18.947  -3.545 1.00 72.04 ? 585 HOH A O     1 
HETATM 681 O O     . HOH C 3 .  ? -21.403 13.175  6.698  1.00 58.64 ? 586 HOH A O     1 
HETATM 682 O O     . HOH C 3 .  ? 31.382  -10.985 -6.175 1.00 46.02 ? 587 HOH A O     1 
HETATM 683 O O     . HOH C 3 .  ? -2.886  -4.833  -0.068 1.00 64.97 ? 588 HOH A O     1 
HETATM 684 O O     . HOH C 3 .  ? -4.690  -4.374  -3.077 0.50 50.72 ? 589 HOH A O     1 
HETATM 685 O O     . HOH C 3 .  ? -3.908  -5.596  2.277  1.00 67.20 ? 590 HOH A O     1 
HETATM 686 O O     . HOH C 3 .  ? 4.740   -15.575 -6.664 1.00 46.01 ? 591 HOH A O     1 
HETATM 687 O O     . HOH C 3 .  ? 0.571   -3.456  5.021  1.00 61.28 ? 592 HOH A O     1 
HETATM 688 O O     . HOH C 3 .  ? -8.859  -1.454  -1.312 1.00 66.95 ? 593 HOH A O     1 
HETATM 689 O O     . HOH C 3 .  ? 6.244   -0.308  -3.848 0.50 41.87 ? 594 HOH A O     1 
HETATM 690 O O     . HOH C 3 .  ? -17.631 22.938  -0.882 1.00 58.69 ? 595 HOH A O     1 
HETATM 691 O O     . HOH C 3 .  ? -22.193 13.178  2.995  1.00 72.73 ? 596 HOH A O     1 
HETATM 692 O O     . HOH C 3 .  ? 6.793   -1.691  6.099  1.00 73.82 ? 597 HOH A O     1 
HETATM 693 O O     . HOH C 3 .  ? 28.987  -13.020 -7.961 1.00 56.52 ? 598 HOH A O     1 
HETATM 694 O O     . HOH C 3 .  ? 14.027  -14.469 2.990  1.00 57.38 ? 599 HOH A O     1 
HETATM 695 O O     . HOH C 3 .  ? 26.914  -12.718 -2.114 1.00 62.67 ? 600 HOH A O     1 
HETATM 696 O O     . HOH C 3 .  ? 7.848   -2.362  3.098  1.00 64.70 ? 601 HOH A O     1 
HETATM 697 O O     . HOH C 3 .  ? 21.546  -16.407 -2.835 1.00 66.10 ? 602 HOH A O     1 
HETATM 698 O O     . HOH C 3 .  ? -19.787 15.254  12.442 1.00 81.26 ? 603 HOH A O     1 
HETATM 699 O O     . HOH C 3 .  ? -11.732 22.421  -0.973 1.00 66.98 ? 604 HOH A O     1 
HETATM 700 O O     . HOH C 3 .  ? 14.401  -15.324 0.385  1.00 65.50 ? 605 HOH A O     1 
HETATM 701 O O     . HOH C 3 .  ? 5.360   4.156   4.417  1.00 57.10 ? 606 HOH A O     1 
HETATM 702 O O     . HOH C 3 .  ? 10.747  -8.482  3.562  1.00 55.01 ? 607 HOH A O     1 
HETATM 703 O O     . HOH C 3 .  ? -14.881 12.785  11.986 1.00 67.80 ? 608 HOH A O     1 
HETATM 704 O O     . HOH C 3 .  ? -2.288  -2.440  6.895  1.00 63.11 ? 609 HOH A O     1 
# 
